data_5EEL
#
_entry.id   5EEL
#
_cell.length_a   95.228
_cell.length_b   95.228
_cell.length_c   241.566
_cell.angle_alpha   90.00
_cell.angle_beta   90.00
_cell.angle_gamma   90.00
#
_symmetry.space_group_name_H-M   'P 41 21 2'
#
loop_
_entity.id
_entity.type
_entity.pdbx_description
1 polymer 'Growth factor receptor-bound protein 7'
2 polymer 'Bicyclic Peptide Inhibitor'
3 non-polymer 'MALONIC ACID'
4 non-polymer 'FORMIC ACID'
5 non-polymer 'SODIUM ION'
6 water water
#
loop_
_entity_poly.entity_id
_entity_poly.type
_entity_poly.pdbx_seq_one_letter_code
_entity_poly.pdbx_strand_id
1 'polypeptide(L)'
;GSPASGTSLSAAIHRTQLWFHGRISREESQRLIGQQGLVDGLFLVRESQRNPQGFVLSLCHLQKVKHYLILPSEEEGRLY
FSMDDGQTRFTDLLQLVEFHQLNRGILPCLLRHCCTRVAL
;
A,B,C,D,E,F
2 'polypeptide(L)' SFEGYDN(73C)(AEA) L,M,N,P,Q,R
#
# COMPACT_ATOMS: atom_id res chain seq x y z
N HIS A 14 -20.60 -18.80 -2.43
CA HIS A 14 -19.91 -17.59 -1.98
C HIS A 14 -20.60 -16.98 -0.76
N ARG A 15 -20.12 -17.33 0.43
CA ARG A 15 -20.71 -16.89 1.69
C ARG A 15 -20.72 -15.40 2.02
N THR A 16 -19.65 -14.70 1.67
CA THR A 16 -19.52 -13.29 2.00
C THR A 16 -20.15 -12.31 1.01
N GLN A 17 -20.81 -12.82 -0.01
CA GLN A 17 -21.43 -11.96 -1.01
C GLN A 17 -22.86 -11.57 -0.65
N LEU A 18 -23.18 -10.28 -0.80
CA LEU A 18 -24.50 -9.77 -0.46
C LEU A 18 -25.67 -10.35 -1.29
N TRP A 19 -25.39 -10.79 -2.51
CA TRP A 19 -26.41 -11.36 -3.38
C TRP A 19 -26.58 -12.86 -3.16
N PHE A 20 -25.87 -13.41 -2.18
CA PHE A 20 -25.98 -14.85 -1.92
C PHE A 20 -26.85 -15.15 -0.70
N HIS A 21 -27.95 -15.84 -0.93
CA HIS A 21 -28.96 -16.01 0.11
C HIS A 21 -28.99 -17.42 0.69
N GLY A 22 -28.04 -18.25 0.29
CA GLY A 22 -27.93 -19.60 0.83
C GLY A 22 -29.10 -20.52 0.50
N ARG A 23 -29.43 -21.40 1.43
CA ARG A 23 -30.50 -22.38 1.23
C ARG A 23 -31.89 -21.81 1.51
N ILE A 24 -32.39 -21.00 0.58
CA ILE A 24 -33.79 -20.57 0.59
C ILE A 24 -34.51 -21.13 -0.63
N SER A 25 -35.84 -21.13 -0.59
CA SER A 25 -36.65 -21.71 -1.65
C SER A 25 -36.90 -20.78 -2.85
N ARG A 26 -37.43 -21.37 -3.91
CA ARG A 26 -37.88 -20.58 -5.05
C ARG A 26 -39.03 -19.64 -4.64
N GLU A 27 -39.99 -20.16 -3.86
CA GLU A 27 -41.10 -19.33 -3.41
C GLU A 27 -40.58 -18.13 -2.60
N GLU A 28 -39.65 -18.39 -1.70
CA GLU A 28 -39.13 -17.33 -0.84
C GLU A 28 -38.34 -16.27 -1.62
N SER A 29 -37.55 -16.70 -2.60
CA SER A 29 -36.81 -15.75 -3.41
C SER A 29 -37.78 -14.90 -4.22
N GLN A 30 -38.86 -15.50 -4.68
CA GLN A 30 -39.87 -14.73 -5.42
C GLN A 30 -40.57 -13.73 -4.51
N ARG A 31 -40.81 -14.12 -3.28
CA ARG A 31 -41.45 -13.23 -2.35
C ARG A 31 -40.58 -12.03 -2.04
N LEU A 32 -39.30 -12.27 -1.79
CA LEU A 32 -38.37 -11.20 -1.47
C LEU A 32 -38.29 -10.22 -2.61
N ILE A 33 -38.20 -10.74 -3.82
CA ILE A 33 -38.12 -9.89 -4.98
C ILE A 33 -39.40 -9.09 -5.17
N GLY A 34 -40.54 -9.73 -4.94
CA GLY A 34 -41.81 -9.04 -5.06
C GLY A 34 -41.94 -7.95 -4.03
N GLN A 35 -41.50 -8.25 -2.83
CA GLN A 35 -41.54 -7.32 -1.73
C GLN A 35 -40.64 -6.13 -2.02
N GLN A 36 -39.65 -6.34 -2.88
CA GLN A 36 -38.70 -5.28 -3.20
C GLN A 36 -39.07 -4.51 -4.45
N GLY A 37 -40.32 -4.66 -4.86
CA GLY A 37 -40.84 -3.92 -5.98
C GLY A 37 -40.82 -4.53 -7.34
N LEU A 38 -40.38 -5.76 -7.45
CA LEU A 38 -40.31 -6.39 -8.77
C LEU A 38 -39.53 -5.51 -9.76
N VAL A 39 -38.52 -4.81 -9.25
CA VAL A 39 -37.72 -3.90 -10.05
C VAL A 39 -36.82 -4.67 -11.02
N ASP A 40 -36.79 -4.22 -12.27
CA ASP A 40 -36.07 -4.91 -13.32
C ASP A 40 -34.56 -4.91 -13.01
N GLY A 41 -33.92 -6.06 -13.14
CA GLY A 41 -32.52 -6.20 -12.81
C GLY A 41 -32.22 -6.59 -11.37
N LEU A 42 -33.25 -6.67 -10.54
CA LEU A 42 -33.10 -7.18 -9.18
C LEU A 42 -32.76 -8.67 -9.26
N PHE A 43 -31.82 -9.12 -8.44
CA PHE A 43 -31.35 -10.50 -8.54
C PHE A 43 -30.82 -11.07 -7.22
N LEU A 44 -30.74 -12.39 -7.17
CA LEU A 44 -30.10 -13.08 -6.06
C LEU A 44 -29.63 -14.46 -6.52
N VAL A 45 -28.72 -15.05 -5.77
CA VAL A 45 -28.32 -16.43 -6.02
C VAL A 45 -28.61 -17.25 -4.77
N ARG A 46 -28.95 -18.51 -4.97
CA ARG A 46 -29.25 -19.40 -3.85
C ARG A 46 -28.81 -20.81 -4.21
N GLU A 47 -28.76 -21.68 -3.21
CA GLU A 47 -28.45 -23.08 -3.46
C GLU A 47 -29.61 -23.75 -4.21
N SER A 48 -29.29 -24.78 -4.98
CA SER A 48 -30.32 -25.61 -5.60
C SER A 48 -30.53 -26.88 -4.79
N GLN A 49 -31.78 -27.17 -4.45
CA GLN A 49 -32.11 -28.43 -3.78
C GLN A 49 -32.14 -29.55 -4.81
N ARG A 50 -32.70 -29.23 -5.98
CA ARG A 50 -32.90 -30.21 -7.04
C ARG A 50 -31.57 -30.62 -7.68
N ASN A 51 -30.62 -29.68 -7.74
CA ASN A 51 -29.27 -29.98 -8.23
C ASN A 51 -28.24 -29.68 -7.15
N PRO A 52 -28.01 -30.65 -6.26
CA PRO A 52 -27.33 -30.55 -4.97
C PRO A 52 -26.11 -29.63 -4.90
N GLN A 53 -25.15 -29.75 -5.80
CA GLN A 53 -24.00 -28.87 -5.66
C GLN A 53 -24.01 -27.77 -6.71
N GLY A 54 -25.21 -27.34 -7.07
CA GLY A 54 -25.40 -26.27 -8.01
C GLY A 54 -26.17 -25.13 -7.40
N PHE A 55 -26.41 -24.11 -8.21
CA PHE A 55 -27.08 -22.92 -7.72
C PHE A 55 -28.15 -22.45 -8.67
N VAL A 56 -28.94 -21.49 -8.20
CA VAL A 56 -29.97 -20.86 -9.01
C VAL A 56 -29.81 -19.36 -8.93
N LEU A 57 -29.72 -18.71 -10.09
CA LEU A 57 -29.74 -17.25 -10.16
C LEU A 57 -31.19 -16.83 -10.41
N SER A 58 -31.73 -16.02 -9.51
CA SER A 58 -33.08 -15.49 -9.66
C SER A 58 -33.00 -14.06 -10.10
N LEU A 59 -33.64 -13.75 -11.23
CA LEU A 59 -33.52 -12.47 -11.87
C LEU A 59 -34.88 -11.93 -12.27
N CYS A 60 -35.12 -10.65 -11.99
CA CYS A 60 -36.43 -10.05 -12.22
C CYS A 60 -36.41 -9.25 -13.51
N HIS A 61 -37.32 -9.57 -14.43
CA HIS A 61 -37.35 -8.90 -15.73
C HIS A 61 -38.76 -8.86 -16.28
N LEU A 62 -39.22 -7.65 -16.58
CA LEU A 62 -40.58 -7.42 -17.07
C LEU A 62 -41.60 -7.98 -16.09
N GLN A 63 -41.34 -7.72 -14.81
CA GLN A 63 -42.26 -8.00 -13.72
C GLN A 63 -42.55 -9.49 -13.61
N LYS A 64 -41.56 -10.30 -13.96
CA LYS A 64 -41.57 -11.73 -13.75
C LYS A 64 -40.27 -12.10 -13.08
N VAL A 65 -40.24 -13.26 -12.41
CA VAL A 65 -39.00 -13.73 -11.81
C VAL A 65 -38.45 -14.93 -12.56
N LYS A 66 -37.32 -14.75 -13.24
CA LYS A 66 -36.72 -15.84 -14.00
C LYS A 66 -35.71 -16.58 -13.12
N HIS A 67 -35.64 -17.90 -13.32
CA HIS A 67 -34.74 -18.74 -12.53
C HIS A 67 -33.74 -19.50 -13.41
N TYR A 68 -32.46 -19.24 -13.21
CA TYR A 68 -31.43 -19.85 -14.04
C TYR A 68 -30.57 -20.83 -13.26
N LEU A 69 -30.54 -22.07 -13.74
CA LEU A 69 -29.75 -23.12 -13.11
C LEU A 69 -28.26 -22.96 -13.38
N ILE A 70 -27.47 -23.08 -12.32
CA ILE A 70 -26.02 -22.98 -12.42
C ILE A 70 -25.41 -24.32 -12.03
N LEU A 71 -24.85 -25.02 -13.01
CA LEU A 71 -24.34 -26.37 -12.79
C LEU A 71 -22.81 -26.42 -12.70
N PRO A 72 -22.31 -27.18 -11.72
CA PRO A 72 -20.88 -27.47 -11.67
C PRO A 72 -20.55 -28.48 -12.73
N SER A 73 -19.31 -28.47 -13.22
CA SER A 73 -18.85 -29.45 -14.16
C SER A 73 -17.33 -29.49 -14.08
N GLU A 74 -16.71 -30.44 -14.80
CA GLU A 74 -15.27 -30.62 -14.72
C GLU A 74 -14.59 -30.67 -16.08
N GLU A 75 -13.55 -29.85 -16.24
CA GLU A 75 -12.70 -29.89 -17.42
C GLU A 75 -11.29 -30.32 -17.02
N GLU A 76 -10.85 -31.46 -17.56
CA GLU A 76 -9.55 -32.04 -17.23
C GLU A 76 -9.39 -32.17 -15.71
N GLY A 77 -10.48 -32.52 -15.04
CA GLY A 77 -10.48 -32.62 -13.59
C GLY A 77 -10.81 -31.32 -12.87
N ARG A 78 -10.56 -30.19 -13.53
CA ARG A 78 -10.75 -28.86 -12.92
C ARG A 78 -12.22 -28.38 -12.96
N LEU A 79 -12.69 -27.81 -11.86
CA LEU A 79 -14.09 -27.45 -11.69
C LEU A 79 -14.46 -26.07 -12.25
N TYR A 80 -15.57 -26.01 -12.99
CA TYR A 80 -16.11 -24.72 -13.44
C TYR A 80 -17.64 -24.70 -13.34
N PHE A 81 -18.22 -23.51 -13.30
CA PHE A 81 -19.67 -23.35 -13.31
C PHE A 81 -20.17 -22.81 -14.63
N SER A 82 -21.40 -23.17 -14.98
CA SER A 82 -21.99 -22.74 -16.25
C SER A 82 -23.51 -22.83 -16.24
N MET A 83 -24.14 -21.94 -17.00
CA MET A 83 -25.58 -21.86 -17.13
C MET A 83 -26.02 -22.31 -18.52
N ASP A 84 -25.05 -22.52 -19.41
CA ASP A 84 -25.39 -22.80 -20.81
C ASP A 84 -24.70 -24.06 -21.34
N ASP A 85 -24.57 -25.05 -20.46
CA ASP A 85 -24.04 -26.35 -20.81
C ASP A 85 -22.60 -26.27 -21.32
N GLY A 86 -21.80 -25.40 -20.68
CA GLY A 86 -20.37 -25.33 -20.97
C GLY A 86 -19.93 -24.31 -21.99
N GLN A 87 -20.88 -23.68 -22.67
CA GLN A 87 -20.55 -22.65 -23.66
C GLN A 87 -19.79 -21.48 -23.04
N THR A 88 -20.16 -21.13 -21.82
CA THR A 88 -19.55 -20.03 -21.10
C THR A 88 -19.21 -20.53 -19.71
N ARG A 89 -17.94 -20.44 -19.33
CA ARG A 89 -17.50 -21.13 -18.12
C ARG A 89 -16.90 -20.19 -17.09
N PHE A 90 -17.23 -20.46 -15.83
CA PHE A 90 -16.79 -19.61 -14.74
C PHE A 90 -16.16 -20.41 -13.62
N THR A 91 -15.11 -19.85 -13.04
CA THR A 91 -14.38 -20.46 -11.94
C THR A 91 -15.24 -20.63 -10.70
N ASP A 92 -15.98 -19.57 -10.37
CA ASP A 92 -16.84 -19.54 -9.19
C ASP A 92 -18.03 -18.62 -9.41
N LEU A 93 -18.94 -18.61 -8.45
CA LEU A 93 -20.14 -17.79 -8.51
C LEU A 93 -19.83 -16.31 -8.71
N LEU A 94 -18.80 -15.82 -8.01
CA LEU A 94 -18.45 -14.39 -8.05
C LEU A 94 -18.12 -13.93 -9.47
N GLN A 95 -17.30 -14.70 -10.17
CA GLN A 95 -16.95 -14.39 -11.55
C GLN A 95 -18.20 -14.44 -12.44
N LEU A 96 -19.07 -15.44 -12.26
CA LEU A 96 -20.32 -15.51 -13.00
C LEU A 96 -21.16 -14.23 -12.79
N VAL A 97 -21.35 -13.85 -11.55
CA VAL A 97 -22.10 -12.63 -11.22
C VAL A 97 -21.43 -11.35 -11.76
N GLU A 98 -20.11 -11.23 -11.59
CA GLU A 98 -19.41 -10.03 -12.06
C GLU A 98 -19.49 -9.89 -13.58
N PHE A 99 -19.28 -10.99 -14.28
CA PHE A 99 -19.41 -11.00 -15.74
C PHE A 99 -20.79 -10.52 -16.18
N HIS A 100 -21.84 -10.96 -15.48
CA HIS A 100 -23.20 -10.63 -15.91
C HIS A 100 -23.71 -9.29 -15.38
N GLN A 101 -22.85 -8.53 -14.73
CA GLN A 101 -23.24 -7.18 -14.36
C GLN A 101 -22.97 -6.24 -15.53
N LEU A 102 -22.15 -6.72 -16.46
CA LEU A 102 -21.79 -5.95 -17.66
C LEU A 102 -22.22 -6.65 -18.96
N ASN A 103 -22.43 -7.96 -18.89
CA ASN A 103 -22.68 -8.73 -20.10
C ASN A 103 -23.90 -9.63 -19.94
N ARG A 104 -24.83 -9.53 -20.89
CA ARG A 104 -26.07 -10.28 -20.79
C ARG A 104 -25.84 -11.78 -20.94
N GLY A 105 -25.00 -12.15 -21.90
CA GLY A 105 -24.85 -13.55 -22.25
C GLY A 105 -26.23 -14.08 -22.60
N ILE A 106 -26.64 -15.15 -21.94
CA ILE A 106 -27.96 -15.72 -22.19
C ILE A 106 -29.08 -15.04 -21.41
N LEU A 107 -28.74 -14.11 -20.52
CA LEU A 107 -29.77 -13.46 -19.70
C LEU A 107 -30.51 -12.40 -20.53
N PRO A 108 -31.78 -12.11 -20.16
CA PRO A 108 -32.58 -11.11 -20.88
C PRO A 108 -32.21 -9.69 -20.48
N CYS A 109 -31.46 -9.56 -19.39
CA CYS A 109 -30.98 -8.26 -18.96
C CYS A 109 -29.79 -8.44 -18.02
N LEU A 110 -29.16 -7.32 -17.67
CA LEU A 110 -28.02 -7.31 -16.77
C LEU A 110 -28.46 -7.51 -15.33
N LEU A 111 -27.53 -7.96 -14.49
CA LEU A 111 -27.75 -8.03 -13.05
C LEU A 111 -27.42 -6.65 -12.47
N ARG A 112 -28.45 -5.92 -12.06
CA ARG A 112 -28.35 -4.50 -11.80
C ARG A 112 -28.49 -4.14 -10.33
N HIS A 113 -29.30 -4.88 -9.59
CA HIS A 113 -29.53 -4.56 -8.19
C HIS A 113 -29.49 -5.80 -7.32
N CYS A 114 -28.76 -5.72 -6.21
CA CYS A 114 -28.63 -6.84 -5.31
C CYS A 114 -29.84 -6.92 -4.38
N CYS A 115 -30.54 -8.06 -4.40
CA CYS A 115 -31.65 -8.27 -3.47
C CYS A 115 -31.12 -8.46 -2.06
N THR A 116 -31.62 -7.64 -1.11
CA THR A 116 -31.11 -7.65 0.26
C THR A 116 -31.33 -8.99 0.99
N ARG A 117 -30.27 -9.53 1.58
CA ARG A 117 -30.31 -10.82 2.27
C ARG A 117 -30.62 -10.66 3.75
N LEU B 9 -20.32 9.37 56.82
CA LEU B 9 -20.97 8.89 55.61
C LEU B 9 -21.24 7.39 55.68
N SER B 10 -21.39 6.75 54.51
CA SER B 10 -21.68 5.32 54.44
C SER B 10 -20.41 4.50 54.17
N ALA B 11 -20.36 3.29 54.71
CA ALA B 11 -19.13 2.50 54.69
C ALA B 11 -18.81 1.92 53.30
N ALA B 12 -17.57 2.10 52.86
CA ALA B 12 -17.11 1.63 51.54
C ALA B 12 -16.06 0.52 51.68
N ILE B 13 -16.52 -0.73 51.59
CA ILE B 13 -15.69 -1.89 51.89
C ILE B 13 -14.52 -2.08 50.91
N HIS B 14 -14.64 -1.56 49.70
CA HIS B 14 -13.59 -1.79 48.71
C HIS B 14 -12.29 -1.11 49.14
N ARG B 15 -12.42 -0.01 49.89
CA ARG B 15 -11.24 0.68 50.43
C ARG B 15 -10.43 -0.20 51.38
N THR B 16 -11.03 -1.26 51.90
CA THR B 16 -10.31 -2.16 52.81
C THR B 16 -9.61 -3.31 52.08
N GLN B 17 -9.74 -3.37 50.77
CA GLN B 17 -9.17 -4.50 50.05
C GLN B 17 -7.74 -4.20 49.59
N LEU B 18 -6.87 -5.20 49.70
CA LEU B 18 -5.47 -5.04 49.30
C LEU B 18 -5.32 -4.73 47.81
N TRP B 19 -6.32 -5.06 46.99
CA TRP B 19 -6.21 -4.81 45.56
C TRP B 19 -6.64 -3.37 45.21
N PHE B 20 -7.16 -2.64 46.18
CA PHE B 20 -7.53 -1.24 45.95
C PHE B 20 -6.38 -0.29 46.25
N HIS B 21 -6.03 0.56 45.29
CA HIS B 21 -4.86 1.43 45.44
C HIS B 21 -5.20 2.91 45.47
N GLY B 22 -6.50 3.22 45.57
CA GLY B 22 -6.95 4.60 45.64
C GLY B 22 -6.52 5.40 44.43
N ARG B 23 -6.00 6.59 44.70
CA ARG B 23 -5.62 7.53 43.66
C ARG B 23 -4.17 7.35 43.18
N ILE B 24 -3.92 6.34 42.35
CA ILE B 24 -2.65 6.28 41.61
C ILE B 24 -2.93 6.40 40.11
N SER B 25 -1.88 6.68 39.34
CA SER B 25 -2.02 6.90 37.90
C SER B 25 -1.89 5.61 37.10
N ARG B 26 -2.12 5.71 35.80
CA ARG B 26 -1.97 4.57 34.90
C ARG B 26 -0.53 4.09 34.89
N GLU B 27 0.41 5.03 34.85
CA GLU B 27 1.84 4.70 34.80
C GLU B 27 2.30 4.01 36.09
N GLU B 28 1.79 4.47 37.23
CA GLU B 28 2.16 3.85 38.49
C GLU B 28 1.59 2.41 38.60
N SER B 29 0.37 2.20 38.13
CA SER B 29 -0.19 0.85 38.17
C SER B 29 0.62 -0.06 37.25
N GLN B 30 1.09 0.47 36.14
CA GLN B 30 1.96 -0.26 35.23
C GLN B 30 3.28 -0.65 35.94
N ARG B 31 3.88 0.31 36.63
CA ARG B 31 5.12 0.08 37.36
C ARG B 31 4.95 -0.99 38.45
N LEU B 32 3.87 -0.89 39.24
CA LEU B 32 3.65 -1.82 40.34
C LEU B 32 3.42 -3.25 39.85
N ILE B 33 2.69 -3.36 38.75
CA ILE B 33 2.38 -4.67 38.20
C ILE B 33 3.64 -5.28 37.57
N GLY B 34 4.45 -4.45 36.91
CA GLY B 34 5.73 -4.91 36.39
C GLY B 34 6.64 -5.36 37.51
N GLN B 35 6.69 -4.56 38.58
CA GLN B 35 7.52 -4.86 39.74
C GLN B 35 7.12 -6.18 40.40
N GLN B 36 5.86 -6.55 40.27
CA GLN B 36 5.39 -7.80 40.86
C GLN B 36 5.26 -8.95 39.85
N GLY B 37 6.03 -8.90 38.77
CA GLY B 37 6.17 -10.08 37.94
C GLY B 37 5.50 -10.12 36.59
N LEU B 38 4.63 -9.16 36.30
CA LEU B 38 3.89 -9.14 35.03
C LEU B 38 3.19 -10.47 34.77
N VAL B 39 2.71 -11.14 35.80
CA VAL B 39 2.14 -12.47 35.62
C VAL B 39 0.64 -12.41 35.30
N ASP B 40 0.14 -13.49 34.71
CA ASP B 40 -1.25 -13.55 34.26
C ASP B 40 -2.24 -13.43 35.40
N GLY B 41 -3.20 -12.52 35.28
CA GLY B 41 -4.26 -12.43 36.29
C GLY B 41 -3.91 -11.48 37.42
N LEU B 42 -2.75 -10.85 37.32
CA LEU B 42 -2.30 -9.85 38.28
C LEU B 42 -3.09 -8.54 38.06
N PHE B 43 -3.67 -8.00 39.12
CA PHE B 43 -4.58 -6.89 38.95
C PHE B 43 -4.67 -5.97 40.16
N LEU B 44 -5.16 -4.77 39.92
CA LEU B 44 -5.50 -3.82 40.98
C LEU B 44 -6.64 -2.94 40.49
N VAL B 45 -7.22 -2.18 41.41
CA VAL B 45 -8.27 -1.23 41.05
C VAL B 45 -7.85 0.11 41.63
N ARG B 46 -8.09 1.18 40.87
CA ARG B 46 -7.73 2.52 41.31
C ARG B 46 -8.83 3.49 40.94
N GLU B 47 -8.74 4.70 41.45
CA GLU B 47 -9.73 5.71 41.07
C GLU B 47 -9.43 6.23 39.68
N SER B 48 -10.49 6.48 38.93
CA SER B 48 -10.39 7.16 37.65
C SER B 48 -10.39 8.69 37.85
N GLN B 49 -9.36 9.36 37.32
CA GLN B 49 -9.35 10.82 37.29
C GLN B 49 -10.27 11.39 36.22
N ARG B 50 -10.17 10.84 35.01
CA ARG B 50 -11.00 11.23 33.89
C ARG B 50 -12.50 11.06 34.22
N ASN B 51 -12.83 10.05 35.01
CA ASN B 51 -14.21 9.80 35.36
C ASN B 51 -14.40 9.77 36.88
N PRO B 52 -14.73 10.93 37.46
CA PRO B 52 -14.73 11.23 38.90
C PRO B 52 -15.31 10.15 39.82
N GLN B 53 -16.52 9.67 39.57
CA GLN B 53 -17.10 8.69 40.47
C GLN B 53 -16.78 7.23 40.10
N GLY B 54 -15.95 7.05 39.07
CA GLY B 54 -15.64 5.73 38.57
C GLY B 54 -14.26 5.22 38.93
N PHE B 55 -13.92 4.07 38.37
CA PHE B 55 -12.69 3.40 38.73
C PHE B 55 -12.09 2.74 37.51
N VAL B 56 -10.87 2.25 37.67
CA VAL B 56 -10.20 1.58 36.59
C VAL B 56 -9.62 0.29 37.13
N LEU B 57 -9.87 -0.80 36.40
CA LEU B 57 -9.30 -2.09 36.73
C LEU B 57 -8.09 -2.31 35.83
N SER B 58 -6.91 -2.44 36.42
CA SER B 58 -5.71 -2.75 35.66
C SER B 58 -5.38 -4.22 35.79
N LEU B 59 -5.26 -4.89 34.65
CA LEU B 59 -5.13 -6.34 34.63
C LEU B 59 -4.04 -6.77 33.66
N CYS B 60 -3.18 -7.69 34.09
CA CYS B 60 -2.07 -8.13 33.25
C CYS B 60 -2.36 -9.46 32.54
N HIS B 61 -2.18 -9.47 31.23
CA HIS B 61 -2.40 -10.69 30.47
C HIS B 61 -1.44 -10.76 29.30
N LEU B 62 -0.76 -11.90 29.15
CA LEU B 62 0.22 -12.07 28.07
C LEU B 62 1.23 -10.91 28.04
N GLN B 63 1.86 -10.67 29.18
CA GLN B 63 2.92 -9.66 29.31
C GLN B 63 2.44 -8.23 29.08
N LYS B 64 1.13 -8.02 29.02
CA LYS B 64 0.60 -6.69 28.76
C LYS B 64 -0.47 -6.26 29.75
N VAL B 65 -0.30 -5.07 30.30
CA VAL B 65 -1.28 -4.50 31.22
C VAL B 65 -2.34 -3.73 30.45
N LYS B 66 -3.60 -4.12 30.62
CA LYS B 66 -4.69 -3.37 30.02
C LYS B 66 -5.58 -2.73 31.11
N HIS B 67 -6.38 -1.74 30.69
CA HIS B 67 -7.07 -0.90 31.64
C HIS B 67 -8.55 -0.82 31.31
N TYR B 68 -9.39 -1.23 32.26
CA TYR B 68 -10.83 -1.35 32.03
C TYR B 68 -11.60 -0.37 32.90
N LEU B 69 -12.25 0.59 32.25
CA LEU B 69 -13.00 1.63 32.93
C LEU B 69 -14.21 1.03 33.62
N ILE B 70 -14.49 1.50 34.83
CA ILE B 70 -15.64 1.05 35.60
C ILE B 70 -16.52 2.24 35.94
N LEU B 71 -17.70 2.30 35.35
CA LEU B 71 -18.54 3.48 35.47
C LEU B 71 -19.70 3.27 36.42
N PRO B 72 -20.05 4.31 37.18
CA PRO B 72 -21.26 4.30 38.01
C PRO B 72 -22.50 4.72 37.23
N SER B 73 -23.67 4.14 37.55
CA SER B 73 -24.93 4.58 36.99
C SER B 73 -26.03 4.35 38.01
N GLU B 74 -27.21 4.89 37.75
CA GLU B 74 -28.36 4.58 38.58
C GLU B 74 -29.51 3.97 37.78
N GLU B 75 -30.15 2.97 38.38
CA GLU B 75 -31.38 2.40 37.88
C GLU B 75 -32.46 2.58 38.95
N GLU B 76 -33.45 3.42 38.65
CA GLU B 76 -34.51 3.75 39.60
C GLU B 76 -33.95 4.27 40.93
N GLY B 77 -32.91 5.10 40.86
CA GLY B 77 -32.29 5.67 42.04
C GLY B 77 -31.27 4.75 42.71
N ARG B 78 -31.15 3.52 42.22
CA ARG B 78 -30.23 2.57 42.83
C ARG B 78 -28.90 2.52 42.07
N LEU B 79 -27.82 2.77 42.81
CA LEU B 79 -26.47 2.80 42.24
C LEU B 79 -25.92 1.43 41.86
N TYR B 80 -25.28 1.35 40.69
CA TYR B 80 -24.56 0.15 40.28
C TYR B 80 -23.31 0.51 39.46
N PHE B 81 -22.41 -0.44 39.30
CA PHE B 81 -21.17 -0.23 38.52
C PHE B 81 -21.09 -1.21 37.36
N SER B 82 -20.44 -0.79 36.28
CA SER B 82 -20.37 -1.64 35.09
C SER B 82 -19.17 -1.28 34.20
N MET B 83 -18.58 -2.31 33.58
CA MET B 83 -17.51 -2.18 32.59
C MET B 83 -17.99 -2.40 31.17
N ASP B 84 -19.21 -2.91 31.01
CA ASP B 84 -19.71 -3.23 29.67
C ASP B 84 -20.98 -2.48 29.35
N ASP B 85 -21.06 -1.23 29.81
CA ASP B 85 -22.15 -0.36 29.41
C ASP B 85 -23.51 -0.82 29.92
N GLY B 86 -23.51 -1.49 31.07
CA GLY B 86 -24.73 -1.92 31.72
C GLY B 86 -25.26 -3.31 31.39
N GLN B 87 -24.58 -4.06 30.54
CA GLN B 87 -24.97 -5.46 30.29
C GLN B 87 -24.71 -6.34 31.53
N THR B 88 -23.71 -5.98 32.32
CA THR B 88 -23.37 -6.71 33.55
C THR B 88 -23.23 -5.67 34.67
N ARG B 89 -24.08 -5.76 35.69
CA ARG B 89 -24.09 -4.74 36.75
C ARG B 89 -23.65 -5.28 38.11
N PHE B 90 -23.05 -4.40 38.91
CA PHE B 90 -22.55 -4.74 40.24
C PHE B 90 -22.85 -3.62 41.23
N THR B 91 -23.30 -4.00 42.43
CA THR B 91 -23.60 -3.07 43.51
C THR B 91 -22.38 -2.26 43.94
N ASP B 92 -21.22 -2.89 43.91
CA ASP B 92 -20.01 -2.26 44.41
C ASP B 92 -18.81 -2.98 43.84
N LEU B 93 -17.61 -2.42 44.04
CA LEU B 93 -16.40 -2.97 43.44
C LEU B 93 -16.06 -4.38 43.93
N LEU B 94 -16.43 -4.71 45.16
CA LEU B 94 -16.11 -6.04 45.71
C LEU B 94 -16.86 -7.12 44.93
N GLN B 95 -18.15 -6.89 44.69
CA GLN B 95 -18.95 -7.85 43.94
C GLN B 95 -18.34 -8.03 42.55
N LEU B 96 -17.87 -6.93 41.95
CA LEU B 96 -17.30 -6.97 40.60
C LEU B 96 -16.02 -7.81 40.57
N VAL B 97 -15.15 -7.59 41.55
CA VAL B 97 -13.90 -8.34 41.62
C VAL B 97 -14.15 -9.83 41.91
N GLU B 98 -15.04 -10.11 42.86
CA GLU B 98 -15.33 -11.50 43.24
C GLU B 98 -15.92 -12.31 42.09
N PHE B 99 -16.76 -11.66 41.29
CA PHE B 99 -17.36 -12.30 40.13
C PHE B 99 -16.29 -12.62 39.09
N HIS B 100 -15.39 -11.65 38.88
CA HIS B 100 -14.32 -11.85 37.91
C HIS B 100 -13.16 -12.70 38.42
N GLN B 101 -13.27 -13.23 39.63
CA GLN B 101 -12.31 -14.24 40.06
C GLN B 101 -12.77 -15.61 39.55
N LEU B 102 -14.06 -15.74 39.29
CA LEU B 102 -14.60 -17.01 38.80
C LEU B 102 -15.07 -16.95 37.34
N ASN B 103 -15.42 -15.76 36.85
CA ASN B 103 -15.96 -15.59 35.50
C ASN B 103 -15.25 -14.48 34.72
N ARG B 104 -14.90 -14.77 33.47
CA ARG B 104 -14.17 -13.81 32.65
C ARG B 104 -14.97 -12.57 32.27
N GLY B 105 -16.27 -12.73 32.03
CA GLY B 105 -17.07 -11.65 31.48
C GLY B 105 -16.38 -11.13 30.23
N ILE B 106 -16.12 -9.82 30.17
CA ILE B 106 -15.50 -9.21 28.99
C ILE B 106 -13.97 -9.24 29.06
N LEU B 107 -13.43 -9.63 30.21
CA LEU B 107 -12.00 -9.71 30.43
C LEU B 107 -11.36 -10.92 29.75
N PRO B 108 -10.05 -10.86 29.44
CA PRO B 108 -9.37 -11.93 28.70
C PRO B 108 -8.83 -13.07 29.60
N CYS B 109 -8.94 -12.91 30.91
CA CYS B 109 -8.59 -13.96 31.85
C CYS B 109 -9.24 -13.65 33.18
N LEU B 110 -9.22 -14.60 34.10
CA LEU B 110 -9.72 -14.40 35.46
C LEU B 110 -8.82 -13.47 36.26
N LEU B 111 -9.39 -12.83 37.27
CA LEU B 111 -8.59 -12.12 38.27
C LEU B 111 -7.99 -13.12 39.27
N ARG B 112 -6.68 -13.37 39.19
CA ARG B 112 -6.08 -14.44 40.02
C ARG B 112 -5.17 -13.93 41.14
N HIS B 113 -4.42 -12.86 40.89
CA HIS B 113 -3.44 -12.40 41.86
C HIS B 113 -3.57 -10.92 42.17
N CYS B 114 -3.76 -10.63 43.45
CA CYS B 114 -3.85 -9.25 43.90
C CYS B 114 -2.51 -8.51 43.84
N CYS B 115 -2.47 -7.38 43.16
CA CYS B 115 -1.27 -6.55 43.19
C CYS B 115 -1.26 -5.77 44.51
N THR B 116 -0.30 -6.08 45.36
CA THR B 116 -0.25 -5.55 46.72
C THR B 116 0.21 -4.09 46.75
N ARG B 117 -0.37 -3.32 47.67
CA ARG B 117 0.06 -1.94 47.91
C ARG B 117 1.54 -1.85 48.28
N ARG C 15 0.28 -3.02 -11.74
CA ARG C 15 -0.31 -4.31 -11.41
C ARG C 15 0.74 -5.25 -10.83
N THR C 16 0.31 -6.03 -9.85
CA THR C 16 1.14 -7.07 -9.26
C THR C 16 1.08 -8.35 -10.09
N GLN C 17 0.32 -8.29 -11.19
CA GLN C 17 0.06 -9.45 -12.03
C GLN C 17 1.29 -9.89 -12.84
N LEU C 18 1.59 -11.19 -12.79
CA LEU C 18 2.81 -11.70 -13.42
C LEU C 18 2.77 -11.63 -14.95
N TRP C 19 1.57 -11.54 -15.51
CA TRP C 19 1.46 -11.52 -16.96
C TRP C 19 1.45 -10.09 -17.51
N PHE C 20 1.55 -9.11 -16.62
CA PHE C 20 1.55 -7.72 -17.05
C PHE C 20 2.98 -7.18 -17.14
N HIS C 21 3.34 -6.64 -18.31
CA HIS C 21 4.71 -6.25 -18.57
C HIS C 21 4.92 -4.76 -18.73
N GLY C 22 3.96 -3.94 -18.28
CA GLY C 22 4.09 -2.50 -18.39
C GLY C 22 4.33 -2.08 -19.83
N ARG C 23 5.17 -1.08 -20.04
CA ARG C 23 5.44 -0.58 -21.39
C ARG C 23 6.60 -1.32 -22.06
N ILE C 24 6.27 -2.36 -22.81
CA ILE C 24 7.23 -2.96 -23.73
C ILE C 24 6.63 -2.92 -25.13
N SER C 25 7.48 -3.05 -26.14
CA SER C 25 7.05 -2.95 -27.54
C SER C 25 6.51 -4.26 -28.09
N ARG C 26 5.83 -4.17 -29.24
CA ARG C 26 5.39 -5.36 -29.95
C ARG C 26 6.59 -6.26 -30.21
N GLU C 27 7.70 -5.64 -30.60
CA GLU C 27 8.91 -6.38 -30.94
C GLU C 27 9.38 -7.15 -29.69
N GLU C 28 9.40 -6.46 -28.57
CA GLU C 28 9.92 -7.08 -27.35
C GLU C 28 8.98 -8.17 -26.82
N SER C 29 7.67 -7.99 -27.00
CA SER C 29 6.76 -9.05 -26.56
C SER C 29 7.00 -10.30 -27.40
N GLN C 30 7.29 -10.13 -28.69
CA GLN C 30 7.60 -11.25 -29.56
C GLN C 30 8.92 -11.92 -29.16
N ARG C 31 9.94 -11.13 -28.85
CA ARG C 31 11.25 -11.69 -28.49
C ARG C 31 11.14 -12.49 -27.20
N LEU C 32 10.44 -11.95 -26.20
CA LEU C 32 10.35 -12.62 -24.90
C LEU C 32 9.53 -13.90 -24.97
N ILE C 33 8.47 -13.89 -25.78
CA ILE C 33 7.64 -15.06 -25.94
C ILE C 33 8.39 -16.15 -26.70
N GLY C 34 9.17 -15.76 -27.70
CA GLY C 34 10.03 -16.69 -28.40
C GLY C 34 11.07 -17.24 -27.47
N GLN C 35 11.66 -16.36 -26.65
CA GLN C 35 12.67 -16.77 -25.68
C GLN C 35 12.10 -17.77 -24.66
N GLN C 36 10.80 -17.73 -24.43
CA GLN C 36 10.18 -18.64 -23.47
C GLN C 36 9.43 -19.79 -24.15
N GLY C 37 9.94 -20.23 -25.30
CA GLY C 37 9.54 -21.50 -25.86
C GLY C 37 8.49 -21.57 -26.96
N LEU C 38 7.88 -20.44 -27.30
CA LEU C 38 6.79 -20.39 -28.29
C LEU C 38 5.66 -21.40 -27.96
N VAL C 39 5.42 -21.60 -26.67
CA VAL C 39 4.38 -22.52 -26.21
C VAL C 39 2.99 -22.00 -26.57
N ASP C 40 2.11 -22.90 -27.03
CA ASP C 40 0.74 -22.51 -27.32
C ASP C 40 0.04 -22.05 -26.03
N GLY C 41 -0.70 -20.94 -26.11
CA GLY C 41 -1.36 -20.40 -24.95
C GLY C 41 -0.49 -19.48 -24.09
N LEU C 42 0.73 -19.23 -24.55
CA LEU C 42 1.66 -18.34 -23.85
C LEU C 42 1.29 -16.89 -24.13
N PHE C 43 1.19 -16.07 -23.08
CA PHE C 43 0.64 -14.72 -23.24
C PHE C 43 1.17 -13.71 -22.24
N LEU C 44 0.92 -12.43 -22.55
CA LEU C 44 1.26 -11.31 -21.69
C LEU C 44 0.36 -10.12 -22.06
N VAL C 45 0.31 -9.13 -21.18
CA VAL C 45 -0.39 -7.88 -21.48
C VAL C 45 0.58 -6.72 -21.31
N ARG C 46 0.51 -5.76 -22.22
CA ARG C 46 1.37 -4.59 -22.17
C ARG C 46 0.57 -3.33 -22.47
N GLU C 47 1.13 -2.18 -22.11
CA GLU C 47 0.50 -0.90 -22.43
C GLU C 47 0.65 -0.65 -23.92
N SER C 48 -0.33 0.05 -24.50
CA SER C 48 -0.26 0.39 -25.92
C SER C 48 0.34 1.77 -26.11
N GLN C 49 1.33 1.85 -27.00
CA GLN C 49 1.88 3.14 -27.37
C GLN C 49 0.90 3.86 -28.28
N ARG C 50 0.42 3.17 -29.31
CA ARG C 50 -0.44 3.77 -30.33
C ARG C 50 -1.76 4.29 -29.73
N ASN C 51 -2.33 3.53 -28.81
CA ASN C 51 -3.54 3.96 -28.11
C ASN C 51 -3.29 4.14 -26.62
N PRO C 52 -3.08 5.40 -26.19
CA PRO C 52 -2.53 5.78 -24.88
C PRO C 52 -3.10 5.04 -23.66
N GLN C 53 -4.40 5.12 -23.45
CA GLN C 53 -5.00 4.56 -22.23
C GLN C 53 -5.37 3.09 -22.38
N GLY C 54 -5.02 2.48 -23.50
CA GLY C 54 -5.37 1.09 -23.77
C GLY C 54 -4.23 0.11 -23.58
N PHE C 55 -4.47 -1.14 -23.95
CA PHE C 55 -3.48 -2.20 -23.75
C PHE C 55 -3.44 -3.16 -24.93
N VAL C 56 -2.43 -4.02 -24.97
CA VAL C 56 -2.35 -5.06 -25.99
C VAL C 56 -2.14 -6.43 -25.35
N LEU C 57 -2.97 -7.39 -25.75
CA LEU C 57 -2.75 -8.79 -25.38
C LEU C 57 -1.88 -9.50 -26.42
N SER C 58 -0.76 -10.08 -26.01
CA SER C 58 0.06 -10.83 -26.95
C SER C 58 0.01 -12.34 -26.65
N LEU C 59 -0.35 -13.14 -27.65
CA LEU C 59 -0.69 -14.56 -27.43
C LEU C 59 -0.08 -15.52 -28.47
N CYS C 60 0.66 -16.52 -28.00
CA CYS C 60 1.29 -17.49 -28.90
C CYS C 60 0.36 -18.67 -29.23
N HIS C 61 0.26 -19.00 -30.51
CA HIS C 61 -0.62 -20.07 -30.97
C HIS C 61 -0.15 -20.60 -32.32
N LEU C 62 0.07 -21.92 -32.38
CA LEU C 62 0.70 -22.57 -33.54
C LEU C 62 2.03 -21.87 -33.88
N GLN C 63 2.85 -21.68 -32.83
CA GLN C 63 4.16 -21.05 -32.94
C GLN C 63 4.11 -19.66 -33.59
N LYS C 64 2.96 -18.99 -33.49
CA LYS C 64 2.83 -17.62 -33.98
C LYS C 64 2.25 -16.70 -32.90
N VAL C 65 2.71 -15.46 -32.86
CA VAL C 65 2.28 -14.49 -31.86
C VAL C 65 1.35 -13.44 -32.43
N LYS C 66 0.10 -13.47 -32.03
CA LYS C 66 -0.86 -12.46 -32.48
C LYS C 66 -1.11 -11.45 -31.35
N HIS C 67 -1.52 -10.24 -31.73
CA HIS C 67 -1.64 -9.14 -30.78
C HIS C 67 -3.03 -8.53 -30.81
N TYR C 68 -3.68 -8.51 -29.65
CA TYR C 68 -5.07 -8.06 -29.58
C TYR C 68 -5.20 -6.78 -28.78
N LEU C 69 -5.77 -5.76 -29.41
CA LEU C 69 -5.95 -4.45 -28.79
C LEU C 69 -7.05 -4.50 -27.73
N ILE C 70 -6.75 -3.92 -26.57
CA ILE C 70 -7.75 -3.79 -25.50
C ILE C 70 -8.05 -2.31 -25.26
N LEU C 71 -9.26 -1.90 -25.62
CA LEU C 71 -9.66 -0.50 -25.51
C LEU C 71 -10.56 -0.23 -24.31
N PRO C 72 -10.43 0.96 -23.72
CA PRO C 72 -11.31 1.42 -22.64
C PRO C 72 -12.52 2.23 -23.15
N SER C 73 -13.60 2.21 -22.38
CA SER C 73 -14.79 3.01 -22.68
C SER C 73 -15.52 3.40 -21.41
N GLU C 74 -16.44 4.35 -21.52
CA GLU C 74 -17.15 4.85 -20.35
C GLU C 74 -18.67 4.78 -20.54
N GLU C 75 -19.25 3.62 -20.23
CA GLU C 75 -20.70 3.43 -20.29
C GLU C 75 -21.39 4.10 -19.10
N GLU C 76 -21.85 5.33 -19.32
CA GLU C 76 -22.47 6.14 -18.29
C GLU C 76 -21.56 6.27 -17.07
N GLY C 77 -20.41 6.91 -17.25
CA GLY C 77 -19.47 7.12 -16.17
C GLY C 77 -18.62 5.90 -15.85
N ARG C 78 -19.27 4.75 -15.71
CA ARG C 78 -18.58 3.51 -15.37
C ARG C 78 -17.64 3.08 -16.49
N LEU C 79 -16.34 2.99 -16.18
CA LEU C 79 -15.32 2.58 -17.14
C LEU C 79 -15.34 1.07 -17.41
N TYR C 80 -15.11 0.67 -18.66
CA TYR C 80 -14.91 -0.75 -18.96
C TYR C 80 -13.84 -0.99 -20.06
N PHE C 81 -13.50 -2.26 -20.27
CA PHE C 81 -12.53 -2.64 -21.30
C PHE C 81 -13.08 -3.67 -22.29
N SER C 82 -12.61 -3.64 -23.54
CA SER C 82 -13.09 -4.57 -24.55
C SER C 82 -12.11 -4.82 -25.70
N MET C 83 -12.10 -6.05 -26.22
CA MET C 83 -11.28 -6.41 -27.36
C MET C 83 -12.10 -6.65 -28.62
N ASP C 84 -13.41 -6.75 -28.46
CA ASP C 84 -14.27 -7.12 -29.57
C ASP C 84 -15.29 -6.03 -29.84
N ASP C 85 -14.86 -4.79 -29.59
CA ASP C 85 -15.64 -3.60 -29.93
C ASP C 85 -16.94 -3.55 -29.14
N GLY C 86 -16.90 -4.00 -27.90
CA GLY C 86 -18.03 -3.85 -26.99
C GLY C 86 -18.97 -5.02 -26.79
N GLN C 87 -18.77 -6.11 -27.52
CA GLN C 87 -19.65 -7.28 -27.40
C GLN C 87 -19.38 -8.01 -26.08
N THR C 88 -18.18 -7.86 -25.53
CA THR C 88 -17.81 -8.43 -24.24
C THR C 88 -17.16 -7.29 -23.46
N ARG C 89 -17.55 -7.06 -22.20
CA ARG C 89 -17.02 -5.94 -21.43
C ARG C 89 -16.45 -6.37 -20.09
N PHE C 90 -15.39 -5.69 -19.65
CA PHE C 90 -14.75 -6.06 -18.39
C PHE C 90 -14.45 -4.85 -17.52
N THR C 91 -14.54 -5.05 -16.21
CA THR C 91 -14.21 -4.02 -15.24
C THR C 91 -12.76 -3.60 -15.37
N ASP C 92 -11.88 -4.60 -15.47
CA ASP C 92 -10.46 -4.34 -15.59
C ASP C 92 -9.74 -5.47 -16.34
N LEU C 93 -8.42 -5.40 -16.37
CA LEU C 93 -7.62 -6.36 -17.12
C LEU C 93 -7.69 -7.75 -16.46
N LEU C 94 -7.68 -7.77 -15.13
CA LEU C 94 -7.79 -9.01 -14.37
C LEU C 94 -9.00 -9.85 -14.78
N GLN C 95 -10.17 -9.24 -14.84
CA GLN C 95 -11.37 -9.97 -15.23
C GLN C 95 -11.25 -10.44 -16.68
N LEU C 96 -10.70 -9.59 -17.54
CA LEU C 96 -10.50 -9.93 -18.94
C LEU C 96 -9.65 -11.19 -19.09
N VAL C 97 -8.55 -11.23 -18.34
CA VAL C 97 -7.62 -12.36 -18.41
C VAL C 97 -8.24 -13.62 -17.80
N GLU C 98 -8.85 -13.48 -16.62
CA GLU C 98 -9.51 -14.61 -15.97
C GLU C 98 -10.58 -15.27 -16.84
N PHE C 99 -11.36 -14.47 -17.56
CA PHE C 99 -12.39 -15.01 -18.43
C PHE C 99 -11.78 -15.79 -19.61
N HIS C 100 -10.73 -15.25 -20.19
CA HIS C 100 -10.11 -15.86 -21.35
C HIS C 100 -9.14 -16.99 -20.99
N GLN C 101 -9.05 -17.29 -19.70
CA GLN C 101 -8.39 -18.51 -19.26
C GLN C 101 -9.34 -19.69 -19.35
N LEU C 102 -10.64 -19.41 -19.40
CA LEU C 102 -11.67 -20.45 -19.48
C LEU C 102 -12.45 -20.43 -20.79
N ASN C 103 -12.58 -19.25 -21.39
CA ASN C 103 -13.38 -19.10 -22.61
C ASN C 103 -12.57 -18.42 -23.73
N ARG C 104 -12.63 -19.00 -24.93
CA ARG C 104 -11.89 -18.45 -26.08
C ARG C 104 -12.32 -17.04 -26.42
N GLY C 105 -13.63 -16.81 -26.47
CA GLY C 105 -14.16 -15.57 -27.02
C GLY C 105 -13.64 -15.47 -28.45
N ILE C 106 -13.09 -14.32 -28.81
CA ILE C 106 -12.58 -14.13 -30.17
C ILE C 106 -11.19 -14.75 -30.38
N LEU C 107 -10.52 -15.11 -29.29
CA LEU C 107 -9.17 -15.68 -29.36
C LEU C 107 -9.18 -17.10 -29.93
N PRO C 108 -8.13 -17.47 -30.67
CA PRO C 108 -8.04 -18.79 -31.30
C PRO C 108 -7.73 -19.91 -30.29
N CYS C 109 -7.35 -19.52 -29.08
CA CYS C 109 -7.13 -20.48 -28.01
C CYS C 109 -7.26 -19.81 -26.65
N LEU C 110 -7.19 -20.62 -25.60
CA LEU C 110 -7.27 -20.13 -24.23
C LEU C 110 -5.96 -19.52 -23.78
N LEU C 111 -6.03 -18.70 -22.75
CA LEU C 111 -4.83 -18.18 -22.08
C LEU C 111 -4.34 -19.21 -21.06
N ARG C 112 -3.27 -19.93 -21.40
CA ARG C 112 -2.86 -21.10 -20.63
C ARG C 112 -1.59 -20.91 -19.83
N HIS C 113 -0.65 -20.16 -20.36
CA HIS C 113 0.65 -20.02 -19.72
C HIS C 113 1.09 -18.57 -19.69
N CYS C 114 1.50 -18.14 -18.51
CA CYS C 114 1.89 -16.77 -18.30
C CYS C 114 3.35 -16.51 -18.73
N CYS C 115 3.55 -15.61 -19.68
CA CYS C 115 4.91 -15.17 -20.00
C CYS C 115 5.33 -14.24 -18.90
N THR C 116 6.27 -14.70 -18.08
CA THR C 116 6.59 -14.03 -16.83
C THR C 116 7.40 -12.77 -17.05
N ARG C 117 6.97 -11.67 -16.44
CA ARG C 117 7.74 -10.45 -16.46
C ARG C 117 9.00 -10.62 -15.61
N VAL C 118 10.01 -9.81 -15.90
CA VAL C 118 11.29 -9.90 -15.23
C VAL C 118 11.12 -9.58 -13.74
N ALA C 119 11.87 -10.28 -12.90
CA ALA C 119 11.88 -10.03 -11.47
C ALA C 119 12.70 -8.77 -11.13
N LEU C 120 12.02 -7.70 -10.75
CA LEU C 120 12.67 -6.45 -10.37
C LEU C 120 13.39 -6.60 -9.03
N THR D 16 48.87 15.43 12.39
CA THR D 16 48.28 14.73 11.26
C THR D 16 47.17 13.79 11.71
N GLN D 17 46.08 13.73 10.93
CA GLN D 17 44.93 12.90 11.26
C GLN D 17 44.73 11.78 10.24
N LEU D 18 44.30 10.62 10.70
CA LEU D 18 44.20 9.43 9.86
C LEU D 18 43.07 9.48 8.82
N TRP D 19 42.08 10.34 9.03
CA TRP D 19 41.01 10.49 8.05
C TRP D 19 41.30 11.60 7.06
N PHE D 20 42.44 12.27 7.21
CA PHE D 20 42.78 13.37 6.32
C PHE D 20 43.63 12.86 5.17
N HIS D 21 43.29 13.24 3.94
CA HIS D 21 44.00 12.72 2.78
C HIS D 21 44.62 13.81 1.90
N GLY D 22 44.70 15.03 2.42
CA GLY D 22 45.33 16.11 1.67
C GLY D 22 44.65 16.38 0.34
N ARG D 23 45.45 16.62 -0.69
CA ARG D 23 44.91 17.02 -2.00
C ARG D 23 44.63 15.86 -2.93
N ILE D 24 43.54 15.13 -2.69
CA ILE D 24 43.13 14.11 -3.64
C ILE D 24 41.81 14.53 -4.31
N SER D 25 41.60 14.03 -5.51
CA SER D 25 40.45 14.42 -6.31
C SER D 25 39.17 13.79 -5.79
N ARG D 26 38.03 14.29 -6.27
CA ARG D 26 36.75 13.69 -5.91
C ARG D 26 36.73 12.21 -6.31
N GLU D 27 37.22 11.90 -7.51
CA GLU D 27 37.17 10.53 -8.02
C GLU D 27 38.13 9.60 -7.28
N GLU D 28 39.28 10.12 -6.88
CA GLU D 28 40.17 9.32 -6.05
C GLU D 28 39.53 9.00 -4.69
N SER D 29 38.82 9.98 -4.13
CA SER D 29 38.23 9.76 -2.82
C SER D 29 37.13 8.70 -2.94
N GLN D 30 36.44 8.67 -4.09
CA GLN D 30 35.42 7.63 -4.27
C GLN D 30 36.10 6.27 -4.38
N ARG D 31 37.18 6.19 -5.17
CA ARG D 31 37.91 4.93 -5.32
C ARG D 31 38.39 4.39 -3.97
N LEU D 32 38.93 5.25 -3.12
CA LEU D 32 39.44 4.84 -1.81
C LEU D 32 38.32 4.25 -0.95
N ILE D 33 37.16 4.91 -0.98
CA ILE D 33 36.03 4.45 -0.20
C ILE D 33 35.45 3.15 -0.79
N GLY D 34 35.44 3.07 -2.12
CA GLY D 34 35.04 1.84 -2.79
C GLY D 34 35.95 0.68 -2.46
N GLN D 35 37.23 0.97 -2.32
CA GLN D 35 38.21 -0.05 -1.96
C GLN D 35 37.99 -0.55 -0.53
N GLN D 36 37.45 0.30 0.33
CA GLN D 36 37.20 -0.12 1.70
C GLN D 36 35.82 -0.75 1.84
N GLY D 37 35.12 -0.90 0.72
CA GLY D 37 33.91 -1.72 0.72
C GLY D 37 32.57 -1.01 0.77
N LEU D 38 32.53 0.28 0.42
CA LEU D 38 31.28 1.04 0.43
C LEU D 38 30.46 0.86 1.71
N VAL D 39 31.15 0.83 2.85
CA VAL D 39 30.50 0.63 4.14
C VAL D 39 29.81 1.91 4.62
N ASP D 40 28.66 1.75 5.25
CA ASP D 40 27.88 2.88 5.76
C ASP D 40 28.69 3.69 6.77
N GLY D 41 28.82 4.99 6.51
CA GLY D 41 29.48 5.88 7.46
C GLY D 41 30.99 5.93 7.32
N LEU D 42 31.49 5.31 6.26
CA LEU D 42 32.91 5.36 5.91
C LEU D 42 33.23 6.73 5.31
N PHE D 43 34.36 7.33 5.71
CA PHE D 43 34.60 8.73 5.36
C PHE D 43 36.06 9.16 5.36
N LEU D 44 36.29 10.32 4.75
CA LEU D 44 37.59 10.98 4.76
C LEU D 44 37.38 12.46 4.53
N VAL D 45 38.39 13.25 4.88
CA VAL D 45 38.40 14.67 4.57
C VAL D 45 39.58 14.96 3.64
N ARG D 46 39.34 15.83 2.66
CA ARG D 46 40.37 16.24 1.74
C ARG D 46 40.25 17.73 1.45
N GLU D 47 41.28 18.28 0.81
CA GLU D 47 41.26 19.69 0.43
C GLU D 47 40.48 19.94 -0.84
N SER D 48 39.71 21.03 -0.85
CA SER D 48 39.02 21.49 -2.03
C SER D 48 39.95 22.28 -2.95
N GLN D 49 39.89 22.01 -4.24
CA GLN D 49 40.71 22.75 -5.19
C GLN D 49 39.90 23.92 -5.75
N ARG D 50 38.59 23.74 -5.84
CA ARG D 50 37.68 24.79 -6.31
C ARG D 50 37.53 25.90 -5.26
N ASN D 51 37.51 25.52 -3.99
CA ASN D 51 37.49 26.52 -2.92
C ASN D 51 38.75 26.45 -2.08
N PRO D 52 39.82 27.10 -2.58
CA PRO D 52 41.20 27.02 -2.08
C PRO D 52 41.36 26.82 -0.57
N GLN D 53 40.76 27.68 0.24
CA GLN D 53 40.96 27.59 1.68
C GLN D 53 40.01 26.58 2.37
N GLY D 54 39.21 25.86 1.58
CA GLY D 54 38.21 24.98 2.14
C GLY D 54 38.57 23.51 2.07
N PHE D 55 37.65 22.64 2.49
CA PHE D 55 37.91 21.20 2.43
C PHE D 55 36.66 20.48 2.00
N VAL D 56 36.78 19.18 1.77
CA VAL D 56 35.61 18.39 1.41
C VAL D 56 35.54 17.14 2.25
N LEU D 57 34.39 16.92 2.87
CA LEU D 57 34.12 15.71 3.63
C LEU D 57 33.46 14.70 2.69
N SER D 58 34.15 13.62 2.38
CA SER D 58 33.55 12.59 1.53
C SER D 58 33.05 11.42 2.39
N LEU D 59 31.77 11.08 2.23
CA LEU D 59 31.08 10.20 3.14
C LEU D 59 30.27 9.16 2.39
N CYS D 60 30.35 7.90 2.81
CA CYS D 60 29.58 6.83 2.18
C CYS D 60 28.31 6.51 2.96
N HIS D 61 27.21 6.36 2.24
CA HIS D 61 25.91 6.09 2.86
C HIS D 61 24.94 5.52 1.83
N LEU D 62 24.38 4.35 2.14
CA LEU D 62 23.47 3.61 1.24
C LEU D 62 24.12 3.35 -0.11
N GLN D 63 25.41 2.98 -0.07
CA GLN D 63 26.19 2.58 -1.26
C GLN D 63 26.40 3.76 -2.22
N LYS D 64 26.32 4.97 -1.69
CA LYS D 64 26.62 6.16 -2.48
C LYS D 64 27.69 6.95 -1.74
N VAL D 65 28.50 7.71 -2.46
CA VAL D 65 29.47 8.60 -1.83
C VAL D 65 29.05 10.06 -1.98
N LYS D 66 28.76 10.73 -0.88
CA LYS D 66 28.36 12.13 -0.89
C LYS D 66 29.55 13.03 -0.58
N HIS D 67 29.49 14.28 -1.02
CA HIS D 67 30.59 15.22 -0.81
C HIS D 67 30.13 16.52 -0.17
N TYR D 68 30.70 16.87 0.98
CA TYR D 68 30.27 18.08 1.66
C TYR D 68 31.37 19.15 1.78
N LEU D 69 31.12 20.29 1.18
CA LEU D 69 32.01 21.45 1.28
C LEU D 69 32.13 21.97 2.71
N ILE D 70 33.36 22.24 3.13
CA ILE D 70 33.65 22.86 4.40
C ILE D 70 34.38 24.18 4.14
N LEU D 71 33.78 25.28 4.56
CA LEU D 71 34.34 26.60 4.27
C LEU D 71 34.74 27.35 5.54
N PRO D 72 35.87 28.07 5.46
CA PRO D 72 36.31 29.01 6.50
C PRO D 72 35.52 30.30 6.51
N SER D 73 35.32 30.86 7.69
CA SER D 73 34.80 32.22 7.84
C SER D 73 35.47 32.88 9.04
N GLU D 74 35.35 34.20 9.13
CA GLU D 74 35.96 34.96 10.22
C GLU D 74 34.90 35.73 10.99
N GLU D 75 34.70 35.34 12.25
CA GLU D 75 33.78 36.04 13.14
C GLU D 75 34.54 36.89 14.15
N GLU D 76 34.54 38.21 13.92
CA GLU D 76 35.19 39.17 14.81
C GLU D 76 36.67 38.84 15.03
N GLY D 77 37.30 38.30 13.99
CA GLY D 77 38.70 37.95 14.05
C GLY D 77 38.96 36.46 14.27
N ARG D 78 37.98 35.77 14.87
CA ARG D 78 38.15 34.36 15.16
C ARG D 78 37.67 33.49 14.00
N LEU D 79 38.57 32.63 13.53
CA LEU D 79 38.30 31.76 12.38
C LEU D 79 37.59 30.47 12.75
N TYR D 80 36.55 30.13 11.99
CA TYR D 80 35.84 28.86 12.16
C TYR D 80 35.55 28.17 10.81
N PHE D 81 35.05 26.94 10.87
CA PHE D 81 34.65 26.21 9.67
C PHE D 81 33.17 25.80 9.72
N SER D 82 32.55 25.67 8.56
CA SER D 82 31.14 25.37 8.52
C SER D 82 30.78 24.70 7.20
N MET D 83 29.72 23.91 7.24
CA MET D 83 29.18 23.19 6.10
C MET D 83 27.77 23.68 5.83
N ASP D 84 27.29 24.55 6.71
CA ASP D 84 25.94 25.09 6.55
C ASP D 84 25.88 26.60 6.72
N ASP D 85 26.90 27.29 6.22
CA ASP D 85 26.95 28.76 6.24
C ASP D 85 26.93 29.39 7.63
N GLY D 86 27.44 28.68 8.62
CA GLY D 86 27.59 29.28 9.93
C GLY D 86 26.48 28.98 10.90
N GLN D 87 25.55 28.12 10.48
CA GLN D 87 24.52 27.63 11.40
C GLN D 87 25.17 26.71 12.43
N THR D 88 26.20 25.99 11.99
CA THR D 88 26.99 25.15 12.88
C THR D 88 28.47 25.49 12.65
N ARG D 89 29.20 25.71 13.73
CA ARG D 89 30.56 26.23 13.61
C ARG D 89 31.57 25.41 14.38
N PHE D 90 32.78 25.31 13.82
CA PHE D 90 33.84 24.51 14.43
C PHE D 90 35.16 25.24 14.35
N THR D 91 36.01 25.00 15.34
CA THR D 91 37.34 25.60 15.43
C THR D 91 38.28 25.02 14.38
N ASP D 92 38.20 23.71 14.19
CA ASP D 92 39.04 23.05 13.20
C ASP D 92 38.35 21.77 12.71
N LEU D 93 38.98 21.10 11.77
CA LEU D 93 38.40 19.91 11.16
C LEU D 93 38.15 18.84 12.21
N LEU D 94 39.07 18.71 13.17
CA LEU D 94 38.96 17.70 14.21
C LEU D 94 37.66 17.83 14.99
N GLN D 95 37.32 19.06 15.38
CA GLN D 95 36.09 19.27 16.14
C GLN D 95 34.88 18.93 15.27
N LEU D 96 34.95 19.26 13.99
CA LEU D 96 33.85 18.95 13.07
C LEU D 96 33.63 17.44 12.99
N VAL D 97 34.72 16.69 12.87
CA VAL D 97 34.65 15.24 12.72
C VAL D 97 34.19 14.61 14.02
N GLU D 98 34.78 15.05 15.12
CA GLU D 98 34.45 14.48 16.41
C GLU D 98 32.98 14.72 16.76
N PHE D 99 32.45 15.87 16.35
CA PHE D 99 31.04 16.14 16.55
C PHE D 99 30.19 15.18 15.73
N HIS D 100 30.57 15.00 14.46
CA HIS D 100 29.75 14.25 13.54
C HIS D 100 29.92 12.72 13.62
N GLN D 101 30.80 12.25 14.49
CA GLN D 101 30.80 10.82 14.83
C GLN D 101 29.65 10.48 15.80
N LEU D 102 29.18 11.49 16.55
CA LEU D 102 28.06 11.31 17.48
C LEU D 102 26.75 11.95 17.01
N ASN D 103 26.84 13.01 16.21
CA ASN D 103 25.65 13.69 15.75
C ASN D 103 25.62 13.87 14.24
N ARG D 104 24.42 13.80 13.67
CA ARG D 104 24.27 13.89 12.23
C ARG D 104 24.35 15.32 11.70
N GLY D 105 23.81 16.29 12.44
CA GLY D 105 23.69 17.64 11.92
C GLY D 105 23.05 17.60 10.54
N ILE D 106 23.69 18.18 9.54
CA ILE D 106 23.14 18.15 8.18
C ILE D 106 23.45 16.86 7.40
N LEU D 107 24.23 15.96 7.99
CA LEU D 107 24.60 14.72 7.30
C LEU D 107 23.49 13.67 7.38
N PRO D 108 23.46 12.74 6.42
CA PRO D 108 22.40 11.73 6.40
C PRO D 108 22.71 10.57 7.33
N CYS D 109 23.94 10.51 7.82
CA CYS D 109 24.37 9.44 8.71
C CYS D 109 25.61 9.86 9.48
N LEU D 110 25.97 9.06 10.48
CA LEU D 110 27.12 9.36 11.32
C LEU D 110 28.41 8.98 10.62
N LEU D 111 29.48 9.70 10.95
CA LEU D 111 30.82 9.29 10.52
C LEU D 111 31.24 8.14 11.42
N ARG D 112 31.29 6.94 10.89
CA ARG D 112 31.54 5.75 11.72
C ARG D 112 32.92 5.15 11.49
N HIS D 113 33.40 5.23 10.25
CA HIS D 113 34.64 4.54 9.88
C HIS D 113 35.60 5.42 9.08
N CYS D 114 36.78 5.61 9.65
CA CYS D 114 37.84 6.37 9.01
C CYS D 114 38.37 5.61 7.78
N CYS D 115 38.36 6.28 6.64
CA CYS D 115 39.01 5.75 5.45
C CYS D 115 40.47 6.24 5.44
N THR D 116 41.38 5.35 5.83
CA THR D 116 42.78 5.70 6.09
C THR D 116 43.68 5.86 4.85
N ARG D 117 44.79 6.57 5.03
CA ARG D 117 45.74 6.81 3.95
C ARG D 117 46.73 5.66 3.82
N GLN E 17 -6.54 18.60 15.31
CA GLN E 17 -5.87 17.79 16.33
C GLN E 17 -6.75 17.55 17.57
N LEU E 18 -6.89 18.53 18.45
CA LEU E 18 -7.47 18.27 19.79
C LEU E 18 -8.92 17.84 19.77
N TRP E 19 -9.67 18.32 18.79
CA TRP E 19 -11.07 17.95 18.64
C TRP E 19 -11.24 16.61 17.92
N PHE E 20 -10.15 16.01 17.47
CA PHE E 20 -10.24 14.76 16.73
C PHE E 20 -10.03 13.54 17.64
N HIS E 21 -11.04 12.68 17.73
CA HIS E 21 -11.00 11.54 18.67
C HIS E 21 -10.80 10.17 18.03
N GLY E 22 -10.39 10.11 16.76
CA GLY E 22 -10.16 8.82 16.14
C GLY E 22 -11.44 8.02 16.06
N ARG E 23 -11.36 6.72 16.31
CA ARG E 23 -12.53 5.87 16.24
C ARG E 23 -13.17 5.71 17.60
N ILE E 24 -14.22 6.48 17.85
CA ILE E 24 -15.06 6.21 19.01
C ILE E 24 -16.51 6.13 18.55
N SER E 25 -17.35 5.50 19.36
CA SER E 25 -18.72 5.24 18.95
C SER E 25 -19.62 6.47 19.10
N ARG E 26 -20.82 6.37 18.55
CA ARG E 26 -21.79 7.45 18.69
C ARG E 26 -22.11 7.65 20.17
N GLU E 27 -22.40 6.55 20.82
CA GLU E 27 -22.74 6.58 22.24
C GLU E 27 -21.64 7.21 23.10
N GLU E 28 -20.38 6.90 22.80
CA GLU E 28 -19.28 7.43 23.57
C GLU E 28 -19.06 8.93 23.31
N SER E 29 -19.30 9.39 22.08
CA SER E 29 -19.22 10.82 21.82
C SER E 29 -20.28 11.53 22.66
N GLN E 30 -21.42 10.87 22.82
CA GLN E 30 -22.51 11.43 23.63
C GLN E 30 -22.18 11.47 25.11
N ARG E 31 -21.56 10.40 25.62
CA ARG E 31 -21.12 10.36 27.01
C ARG E 31 -20.10 11.47 27.29
N LEU E 32 -19.10 11.59 26.43
CA LEU E 32 -18.05 12.58 26.66
C LEU E 32 -18.58 14.02 26.64
N ILE E 33 -19.59 14.26 25.79
CA ILE E 33 -20.17 15.58 25.67
C ILE E 33 -21.14 15.81 26.83
N GLY E 34 -21.82 14.74 27.25
CA GLY E 34 -22.69 14.79 28.42
C GLY E 34 -21.92 15.16 29.67
N GLN E 35 -20.71 14.62 29.77
CA GLN E 35 -19.77 14.93 30.85
C GLN E 35 -19.46 16.44 30.92
N GLN E 36 -19.37 17.08 29.76
CA GLN E 36 -19.08 18.51 29.72
C GLN E 36 -20.34 19.41 29.79
N GLY E 37 -21.47 18.81 30.16
CA GLY E 37 -22.63 19.59 30.52
C GLY E 37 -23.68 19.81 29.45
N LEU E 38 -23.46 19.26 28.25
CA LEU E 38 -24.39 19.42 27.13
C LEU E 38 -24.57 20.91 26.75
N VAL E 39 -23.48 21.65 26.78
CA VAL E 39 -23.50 23.06 26.43
C VAL E 39 -23.54 23.24 24.91
N ASP E 40 -24.28 24.24 24.44
CA ASP E 40 -24.31 24.61 23.01
C ASP E 40 -22.91 24.82 22.46
N GLY E 41 -22.63 24.24 21.29
CA GLY E 41 -21.37 24.46 20.62
C GLY E 41 -20.29 23.45 20.97
N LEU E 42 -20.56 22.55 21.92
CA LEU E 42 -19.64 21.45 22.22
C LEU E 42 -19.55 20.54 21.00
N PHE E 43 -18.35 20.06 20.70
CA PHE E 43 -18.17 19.30 19.48
C PHE E 43 -16.91 18.46 19.47
N LEU E 44 -16.87 17.52 18.55
CA LEU E 44 -15.70 16.70 18.31
C LEU E 44 -15.90 16.05 16.96
N VAL E 45 -14.82 15.52 16.41
CA VAL E 45 -14.87 14.79 15.16
C VAL E 45 -14.28 13.41 15.40
N ARG E 46 -14.89 12.40 14.77
CA ARG E 46 -14.45 11.04 14.92
C ARG E 46 -14.55 10.35 13.57
N GLU E 47 -13.95 9.18 13.45
CA GLU E 47 -14.07 8.40 12.22
C GLU E 47 -15.46 7.77 12.12
N SER E 48 -15.91 7.54 10.89
CA SER E 48 -17.15 6.81 10.65
C SER E 48 -16.86 5.33 10.43
N GLN E 49 -17.58 4.46 11.12
CA GLN E 49 -17.43 3.03 10.91
C GLN E 49 -18.27 2.61 9.71
N ARG E 50 -19.44 3.23 9.57
CA ARG E 50 -20.36 2.89 8.51
C ARG E 50 -19.89 3.39 7.14
N ASN E 51 -19.28 4.57 7.12
CA ASN E 51 -18.65 5.08 5.90
C ASN E 51 -17.17 5.24 6.10
N PRO E 52 -16.41 4.15 5.89
CA PRO E 52 -14.99 4.02 6.22
C PRO E 52 -14.15 5.21 5.77
N GLN E 53 -14.36 5.68 4.55
CA GLN E 53 -13.56 6.77 4.02
C GLN E 53 -13.84 8.11 4.73
N GLY E 54 -14.96 8.20 5.45
CA GLY E 54 -15.43 9.47 5.96
C GLY E 54 -15.34 9.69 7.46
N PHE E 55 -15.97 10.77 7.92
CA PHE E 55 -15.96 11.13 9.33
C PHE E 55 -17.33 11.59 9.79
N VAL E 56 -17.47 11.71 11.11
CA VAL E 56 -18.67 12.25 11.71
C VAL E 56 -18.32 13.42 12.62
N LEU E 57 -19.05 14.52 12.47
CA LEU E 57 -18.92 15.65 13.35
C LEU E 57 -20.05 15.59 14.37
N SER E 58 -19.71 15.42 15.64
CA SER E 58 -20.73 15.38 16.68
C SER E 58 -20.82 16.72 17.38
N LEU E 59 -22.00 17.31 17.35
CA LEU E 59 -22.19 18.69 17.80
C LEU E 59 -23.39 18.78 18.74
N CYS E 60 -23.24 19.46 19.87
CA CYS E 60 -24.33 19.62 20.81
C CYS E 60 -25.09 20.92 20.58
N HIS E 61 -26.42 20.83 20.55
CA HIS E 61 -27.26 22.01 20.41
C HIS E 61 -28.61 21.73 21.04
N LEU E 62 -29.05 22.61 21.92
CA LEU E 62 -30.29 22.42 22.65
C LEU E 62 -30.23 21.12 23.43
N GLN E 63 -29.06 20.84 23.96
CA GLN E 63 -28.80 19.67 24.78
C GLN E 63 -28.99 18.37 24.02
N LYS E 64 -28.96 18.45 22.71
CA LYS E 64 -29.10 17.26 21.91
C LYS E 64 -27.85 17.11 21.09
N VAL E 65 -27.29 15.91 21.08
CA VAL E 65 -26.07 15.71 20.32
C VAL E 65 -26.44 15.22 18.94
N LYS E 66 -26.08 16.00 17.93
CA LYS E 66 -26.42 15.65 16.57
C LYS E 66 -25.17 15.22 15.83
N HIS E 67 -25.33 14.36 14.84
CA HIS E 67 -24.17 13.76 14.19
C HIS E 67 -24.18 13.99 12.69
N TYR E 68 -23.13 14.65 12.21
CA TYR E 68 -23.06 15.12 10.84
C TYR E 68 -22.03 14.35 10.01
N LEU E 69 -22.53 13.65 9.00
CA LEU E 69 -21.65 12.86 8.15
C LEU E 69 -20.78 13.77 7.29
N ILE E 70 -19.49 13.45 7.23
CA ILE E 70 -18.52 14.16 6.39
C ILE E 70 -18.00 13.17 5.38
N LEU E 71 -18.27 13.42 4.09
CA LEU E 71 -17.87 12.46 3.06
C LEU E 71 -16.79 13.02 2.14
N PRO E 72 -15.92 12.14 1.62
CA PRO E 72 -14.92 12.49 0.60
C PRO E 72 -15.46 12.35 -0.83
N SER E 73 -15.03 13.24 -1.72
CA SER E 73 -15.36 13.12 -3.16
C SER E 73 -14.19 13.57 -4.01
N GLU E 74 -14.34 13.42 -5.33
CA GLU E 74 -13.29 13.77 -6.29
C GLU E 74 -13.75 14.77 -7.35
N GLU E 75 -13.30 16.02 -7.23
CA GLU E 75 -13.60 16.97 -8.28
C GLU E 75 -12.30 17.19 -9.04
N GLU E 76 -12.36 17.02 -10.35
CA GLU E 76 -11.19 17.22 -11.21
C GLU E 76 -9.98 16.49 -10.65
N GLY E 77 -10.20 15.27 -10.15
CA GLY E 77 -9.12 14.46 -9.59
C GLY E 77 -8.86 14.72 -8.12
N ARG E 78 -8.98 15.98 -7.70
CA ARG E 78 -8.62 16.38 -6.34
C ARG E 78 -9.70 16.03 -5.30
N LEU E 79 -9.27 15.50 -4.17
CA LEU E 79 -10.19 15.07 -3.10
C LEU E 79 -10.67 16.25 -2.27
N TYR E 80 -11.92 16.22 -1.86
CA TYR E 80 -12.47 17.22 -0.96
C TYR E 80 -13.47 16.59 -0.01
N PHE E 81 -13.75 17.25 1.11
CA PHE E 81 -14.71 16.77 2.07
C PHE E 81 -15.96 17.63 2.07
N SER E 82 -17.10 17.04 2.40
CA SER E 82 -18.37 17.76 2.38
C SER E 82 -19.44 17.09 3.25
N MET E 83 -20.32 17.91 3.81
CA MET E 83 -21.45 17.49 4.62
C MET E 83 -22.79 17.74 3.91
N ASP E 84 -22.73 18.39 2.75
CA ASP E 84 -23.96 18.78 2.08
C ASP E 84 -23.98 18.39 0.61
N ASP E 85 -23.38 17.24 0.31
CA ASP E 85 -23.40 16.67 -1.02
C ASP E 85 -22.69 17.57 -2.02
N GLY E 86 -21.65 18.27 -1.57
CA GLY E 86 -20.80 18.99 -2.48
C GLY E 86 -21.12 20.47 -2.68
N GLN E 87 -22.12 20.98 -1.99
CA GLN E 87 -22.45 22.41 -2.07
C GLN E 87 -21.34 23.26 -1.43
N THR E 88 -20.84 22.80 -0.29
CA THR E 88 -19.74 23.42 0.41
C THR E 88 -18.61 22.41 0.48
N ARG E 89 -17.44 22.76 0.00
CA ARG E 89 -16.33 21.81 -0.07
C ARG E 89 -15.08 22.25 0.69
N PHE E 90 -14.38 21.28 1.26
CA PHE E 90 -13.22 21.54 2.10
C PHE E 90 -12.05 20.61 1.77
N THR E 91 -10.83 21.16 1.81
CA THR E 91 -9.61 20.41 1.52
C THR E 91 -9.39 19.27 2.51
N ASP E 92 -9.72 19.53 3.78
CA ASP E 92 -9.43 18.59 4.86
C ASP E 92 -10.30 18.92 6.08
N LEU E 93 -10.20 18.11 7.12
CA LEU E 93 -11.05 18.29 8.29
C LEU E 93 -10.77 19.63 8.98
N LEU E 94 -9.51 20.00 9.08
CA LEU E 94 -9.12 21.27 9.69
C LEU E 94 -9.86 22.47 9.09
N GLN E 95 -9.92 22.53 7.76
CA GLN E 95 -10.55 23.68 7.12
C GLN E 95 -12.04 23.68 7.39
N LEU E 96 -12.64 22.49 7.38
CA LEU E 96 -14.05 22.34 7.74
C LEU E 96 -14.35 22.82 9.16
N VAL E 97 -13.52 22.42 10.12
CA VAL E 97 -13.77 22.81 11.50
C VAL E 97 -13.58 24.32 11.66
N GLU E 98 -12.44 24.82 11.19
CA GLU E 98 -12.15 26.26 11.22
C GLU E 98 -13.27 27.11 10.63
N PHE E 99 -13.72 26.76 9.44
CA PHE E 99 -14.81 27.50 8.82
C PHE E 99 -16.05 27.52 9.72
N HIS E 100 -16.32 26.40 10.38
CA HIS E 100 -17.55 26.30 11.18
C HIS E 100 -17.40 26.81 12.60
N GLN E 101 -16.19 27.25 12.95
CA GLN E 101 -16.03 28.04 14.16
C GLN E 101 -16.55 29.46 13.93
N LEU E 102 -16.55 29.94 12.68
CA LEU E 102 -17.02 31.30 12.37
C LEU E 102 -18.35 31.35 11.63
N ASN E 103 -18.60 30.34 10.81
CA ASN E 103 -19.82 30.30 10.00
C ASN E 103 -20.65 29.06 10.29
N ARG E 104 -21.95 29.25 10.42
CA ARG E 104 -22.85 28.15 10.72
C ARG E 104 -22.96 27.17 9.55
N GLY E 105 -23.12 27.71 8.33
CA GLY E 105 -23.31 26.86 7.16
C GLY E 105 -24.60 26.10 7.34
N ILE E 106 -24.60 24.78 7.16
CA ILE E 106 -25.81 24.01 7.37
C ILE E 106 -26.08 23.68 8.85
N LEU E 107 -25.13 23.99 9.73
CA LEU E 107 -25.24 23.66 11.15
C LEU E 107 -26.13 24.65 11.91
N PRO E 108 -26.78 24.17 13.00
CA PRO E 108 -27.67 25.01 13.82
C PRO E 108 -26.95 26.00 14.73
N CYS E 109 -25.65 25.82 14.93
CA CYS E 109 -24.87 26.73 15.77
C CYS E 109 -23.40 26.62 15.40
N LEU E 110 -22.57 27.50 15.95
CA LEU E 110 -21.16 27.46 15.66
C LEU E 110 -20.49 26.34 16.46
N LEU E 111 -19.35 25.86 15.96
CA LEU E 111 -18.49 25.00 16.76
C LEU E 111 -17.74 25.91 17.73
N ARG E 112 -18.12 25.88 19.01
CA ARG E 112 -17.60 26.87 19.94
C ARG E 112 -16.68 26.23 20.99
N HIS E 113 -17.02 25.03 21.42
CA HIS E 113 -16.25 24.44 22.50
C HIS E 113 -15.79 23.03 22.16
N CYS E 114 -14.50 22.95 21.94
CA CYS E 114 -13.87 21.71 21.62
C CYS E 114 -13.96 20.74 22.80
N CYS E 115 -14.36 19.51 22.51
CA CYS E 115 -14.35 18.44 23.48
C CYS E 115 -13.05 17.63 23.29
N THR E 116 -12.13 17.72 24.24
CA THR E 116 -10.72 17.34 24.01
C THR E 116 -10.44 15.84 24.03
N ARG E 117 -9.66 15.37 23.07
CA ARG E 117 -9.34 13.94 22.95
C ARG E 117 -8.43 13.40 24.05
N VAL E 118 -8.51 12.09 24.28
CA VAL E 118 -7.59 11.39 25.19
C VAL E 118 -6.30 11.04 24.44
N ARG F 15 37.30 -10.29 -26.56
CA ARG F 15 37.09 -11.33 -25.54
C ARG F 15 38.41 -11.76 -24.87
N THR F 16 39.53 -11.28 -25.38
CA THR F 16 40.81 -11.41 -24.68
C THR F 16 41.16 -10.06 -24.05
N GLN F 17 40.13 -9.23 -23.87
CA GLN F 17 40.28 -7.81 -23.54
C GLN F 17 40.06 -7.48 -22.06
N LEU F 18 40.71 -6.44 -21.58
CA LEU F 18 40.73 -6.14 -20.15
C LEU F 18 39.35 -5.82 -19.59
N TRP F 19 38.47 -5.25 -20.41
CA TRP F 19 37.15 -4.85 -19.92
C TRP F 19 36.15 -5.99 -20.00
N PHE F 20 36.55 -7.12 -20.58
CA PHE F 20 35.67 -8.27 -20.71
C PHE F 20 35.81 -9.24 -19.53
N HIS F 21 34.72 -9.46 -18.80
CA HIS F 21 34.74 -10.27 -17.59
C HIS F 21 34.09 -11.65 -17.70
N GLY F 22 33.80 -12.10 -18.92
CA GLY F 22 33.21 -13.42 -19.07
C GLY F 22 31.88 -13.52 -18.36
N ARG F 23 31.65 -14.64 -17.68
CA ARG F 23 30.35 -14.91 -17.07
C ARG F 23 30.35 -14.51 -15.59
N ILE F 24 29.97 -13.27 -15.32
CA ILE F 24 29.72 -12.87 -13.94
C ILE F 24 28.29 -12.37 -13.87
N SER F 25 27.71 -12.46 -12.68
CA SER F 25 26.32 -12.07 -12.45
C SER F 25 26.15 -10.55 -12.45
N ARG F 26 24.91 -10.10 -12.48
CA ARG F 26 24.60 -8.69 -12.39
C ARG F 26 25.15 -8.15 -11.06
N GLU F 27 24.84 -8.82 -9.96
CA GLU F 27 25.27 -8.36 -8.64
C GLU F 27 26.78 -8.22 -8.56
N GLU F 28 27.51 -9.17 -9.17
CA GLU F 28 28.96 -9.18 -9.05
C GLU F 28 29.57 -8.03 -9.84
N SER F 29 28.99 -7.70 -10.99
CA SER F 29 29.48 -6.55 -11.77
C SER F 29 29.30 -5.27 -10.95
N GLN F 30 28.22 -5.19 -10.18
CA GLN F 30 27.98 -3.99 -9.37
C GLN F 30 28.96 -3.95 -8.19
N ARG F 31 29.31 -5.11 -7.64
CA ARG F 31 30.27 -5.15 -6.53
C ARG F 31 31.65 -4.71 -7.04
N LEU F 32 32.08 -5.25 -8.18
CA LEU F 32 33.40 -4.91 -8.74
C LEU F 32 33.52 -3.43 -9.11
N ILE F 33 32.45 -2.88 -9.69
CA ILE F 33 32.42 -1.48 -10.04
C ILE F 33 32.35 -0.66 -8.75
N GLY F 34 31.67 -1.22 -7.75
CA GLY F 34 31.59 -0.58 -6.44
C GLY F 34 32.95 -0.47 -5.78
N GLN F 35 33.79 -1.49 -5.98
CA GLN F 35 35.14 -1.49 -5.43
C GLN F 35 35.97 -0.38 -6.05
N GLN F 36 35.60 0.06 -7.24
CA GLN F 36 36.37 1.11 -7.90
C GLN F 36 35.73 2.49 -7.67
N GLY F 37 34.71 2.54 -6.80
CA GLY F 37 34.20 3.79 -6.29
C GLY F 37 33.03 4.44 -7.02
N LEU F 38 32.40 3.73 -7.95
CA LEU F 38 31.25 4.24 -8.69
C LEU F 38 31.55 5.57 -9.38
N VAL F 39 32.79 5.72 -9.86
CA VAL F 39 33.16 6.85 -10.72
C VAL F 39 32.40 6.81 -12.06
N ASP F 40 31.91 7.95 -12.52
CA ASP F 40 31.32 8.09 -13.86
C ASP F 40 32.13 7.42 -14.98
N GLY F 41 31.50 6.53 -15.74
CA GLY F 41 32.16 5.96 -16.89
C GLY F 41 32.86 4.64 -16.64
N LEU F 42 32.82 4.13 -15.41
CA LEU F 42 33.32 2.79 -15.13
C LEU F 42 32.50 1.79 -15.93
N PHE F 43 33.15 0.80 -16.53
CA PHE F 43 32.39 -0.14 -17.33
C PHE F 43 33.08 -1.46 -17.45
N LEU F 44 32.29 -2.48 -17.78
CA LEU F 44 32.80 -3.77 -18.17
C LEU F 44 31.75 -4.41 -19.06
N VAL F 45 32.19 -5.41 -19.81
CA VAL F 45 31.27 -6.22 -20.61
C VAL F 45 31.30 -7.63 -20.07
N ARG F 46 30.16 -8.30 -20.08
CA ARG F 46 30.12 -9.64 -19.53
C ARG F 46 29.12 -10.46 -20.31
N GLU F 47 29.23 -11.78 -20.17
CA GLU F 47 28.28 -12.63 -20.88
C GLU F 47 26.91 -12.51 -20.23
N SER F 48 25.88 -12.75 -21.03
CA SER F 48 24.51 -12.76 -20.55
C SER F 48 24.05 -14.20 -20.36
N GLN F 49 23.55 -14.54 -19.18
CA GLN F 49 23.06 -15.90 -18.97
C GLN F 49 21.62 -16.04 -19.49
N ARG F 50 20.85 -14.97 -19.39
CA ARG F 50 19.49 -14.98 -19.92
C ARG F 50 19.52 -14.90 -21.45
N ASN F 51 20.58 -14.32 -22.01
CA ASN F 51 20.73 -14.28 -23.47
C ASN F 51 22.08 -14.84 -23.92
N PRO F 52 22.19 -16.19 -23.94
CA PRO F 52 23.43 -16.95 -24.15
C PRO F 52 24.27 -16.49 -25.36
N GLN F 53 23.63 -16.03 -26.44
CA GLN F 53 24.42 -15.53 -27.57
C GLN F 53 24.71 -14.03 -27.43
N GLY F 54 24.26 -13.42 -26.34
CA GLY F 54 24.39 -11.99 -26.18
C GLY F 54 25.40 -11.59 -25.12
N PHE F 55 25.49 -10.29 -24.85
CA PHE F 55 26.36 -9.81 -23.81
C PHE F 55 25.67 -8.69 -23.06
N VAL F 56 26.26 -8.31 -21.93
CA VAL F 56 25.76 -7.18 -21.18
C VAL F 56 26.86 -6.19 -20.93
N LEU F 57 26.62 -4.94 -21.31
CA LEU F 57 27.52 -3.85 -20.98
C LEU F 57 27.03 -3.23 -19.68
N SER F 58 27.87 -3.28 -18.65
CA SER F 58 27.54 -2.66 -17.37
C SER F 58 28.32 -1.37 -17.19
N LEU F 59 27.58 -0.26 -17.00
CA LEU F 59 28.11 1.09 -17.03
C LEU F 59 27.64 1.91 -15.83
N CYS F 60 28.56 2.65 -15.21
CA CYS F 60 28.22 3.44 -14.04
C CYS F 60 28.09 4.91 -14.38
N HIS F 61 27.01 5.52 -13.93
CA HIS F 61 26.75 6.91 -14.19
C HIS F 61 25.90 7.47 -13.07
N LEU F 62 26.31 8.62 -12.53
CA LEU F 62 25.67 9.20 -11.36
C LEU F 62 25.61 8.16 -10.24
N GLN F 63 26.71 7.42 -10.08
CA GLN F 63 26.85 6.42 -9.02
C GLN F 63 25.77 5.33 -9.09
N LYS F 64 25.19 5.17 -10.27
CA LYS F 64 24.24 4.09 -10.49
C LYS F 64 24.78 3.19 -11.60
N VAL F 65 24.72 1.88 -11.42
CA VAL F 65 25.17 0.99 -12.46
C VAL F 65 23.99 0.54 -13.29
N LYS F 66 24.06 0.77 -14.59
CA LYS F 66 23.02 0.35 -15.50
C LYS F 66 23.56 -0.73 -16.42
N HIS F 67 22.64 -1.48 -17.01
CA HIS F 67 22.98 -2.69 -17.76
C HIS F 67 22.34 -2.72 -19.13
N TYR F 68 23.18 -2.81 -20.15
CA TYR F 68 22.71 -2.68 -21.52
C TYR F 68 22.94 -3.97 -22.30
N LEU F 69 21.82 -4.56 -22.73
CA LEU F 69 21.85 -5.79 -23.51
C LEU F 69 22.51 -5.57 -24.88
N ILE F 70 23.42 -6.46 -25.23
CA ILE F 70 24.05 -6.47 -26.56
C ILE F 70 23.62 -7.74 -27.27
N LEU F 71 22.90 -7.60 -28.37
CA LEU F 71 22.39 -8.74 -29.11
C LEU F 71 22.94 -8.93 -30.51
N PRO F 72 23.06 -10.26 -30.88
CA PRO F 72 23.52 -10.46 -32.25
C PRO F 72 22.36 -10.32 -33.23
N SER F 73 22.64 -9.99 -34.47
CA SER F 73 21.61 -9.82 -35.48
C SER F 73 20.94 -11.12 -35.87
N GLU F 74 19.79 -11.04 -36.54
CA GLU F 74 19.12 -12.26 -36.93
C GLU F 74 18.60 -12.24 -38.36
N GLU F 75 19.24 -11.46 -39.21
CA GLU F 75 18.94 -11.45 -40.63
C GLU F 75 19.91 -12.51 -41.06
N GLU F 76 19.59 -13.30 -42.08
CA GLU F 76 20.49 -14.37 -42.50
C GLU F 76 21.85 -13.92 -43.01
N GLY F 77 21.87 -12.90 -43.85
CA GLY F 77 23.13 -12.41 -44.37
C GLY F 77 24.06 -11.69 -43.44
N ARG F 78 23.49 -10.75 -42.68
CA ARG F 78 24.24 -9.91 -41.78
C ARG F 78 24.85 -10.59 -40.58
N LEU F 79 25.89 -9.97 -40.05
CA LEU F 79 26.55 -10.46 -38.88
C LEU F 79 27.00 -9.27 -38.06
N TYR F 80 26.29 -8.97 -36.98
CA TYR F 80 26.66 -7.84 -36.14
C TYR F 80 26.04 -7.87 -34.75
N PHE F 81 26.55 -7.03 -33.89
CA PHE F 81 26.07 -6.90 -32.54
C PHE F 81 25.49 -5.51 -32.41
N SER F 82 24.46 -5.37 -31.60
CA SER F 82 23.82 -4.08 -31.43
C SER F 82 23.13 -3.94 -30.08
N MET F 83 22.89 -2.69 -29.70
CA MET F 83 22.20 -2.35 -28.46
C MET F 83 20.89 -1.60 -28.73
N ASP F 84 20.66 -1.21 -29.99
CA ASP F 84 19.47 -0.41 -30.32
C ASP F 84 18.72 -0.98 -31.51
N ASP F 85 18.55 -2.31 -31.51
CA ASP F 85 17.80 -2.99 -32.57
C ASP F 85 18.36 -2.76 -33.95
N GLY F 86 19.68 -2.69 -34.09
CA GLY F 86 20.27 -2.56 -35.40
C GLY F 86 20.43 -1.19 -35.97
N GLN F 87 20.05 -0.17 -35.23
CA GLN F 87 20.23 1.20 -35.69
C GLN F 87 21.71 1.56 -35.74
N THR F 88 22.49 0.92 -34.87
CA THR F 88 23.92 1.13 -34.77
C THR F 88 24.57 -0.24 -34.72
N ARG F 89 25.37 -0.58 -35.73
CA ARG F 89 25.96 -1.91 -35.85
C ARG F 89 27.45 -2.07 -35.69
N PHE F 90 27.85 -3.16 -35.06
CA PHE F 90 29.24 -3.45 -34.81
C PHE F 90 29.56 -4.88 -35.14
N THR F 91 30.70 -5.10 -35.78
CA THR F 91 31.11 -6.46 -36.14
C THR F 91 31.45 -7.25 -34.90
N ASP F 92 31.90 -6.57 -33.86
CA ASP F 92 32.29 -7.27 -32.63
C ASP F 92 32.29 -6.33 -31.41
N LEU F 93 32.54 -6.90 -30.23
CA LEU F 93 32.45 -6.14 -28.99
C LEU F 93 33.49 -5.03 -28.91
N LEU F 94 34.70 -5.32 -29.38
CA LEU F 94 35.78 -4.33 -29.42
C LEU F 94 35.35 -3.05 -30.16
N GLN F 95 34.75 -3.23 -31.33
CA GLN F 95 34.27 -2.10 -32.12
C GLN F 95 33.22 -1.33 -31.30
N LEU F 96 32.29 -2.05 -30.69
CA LEU F 96 31.25 -1.43 -29.84
C LEU F 96 31.85 -0.62 -28.70
N VAL F 97 32.80 -1.22 -27.98
CA VAL F 97 33.42 -0.53 -26.87
C VAL F 97 34.23 0.68 -27.36
N GLU F 98 35.08 0.46 -28.36
CA GLU F 98 35.91 1.52 -28.91
C GLU F 98 35.08 2.73 -29.38
N PHE F 99 33.96 2.46 -30.04
CA PHE F 99 33.07 3.52 -30.46
C PHE F 99 32.51 4.29 -29.28
N HIS F 100 32.04 3.55 -28.29
CA HIS F 100 31.37 4.16 -27.14
C HIS F 100 32.34 4.73 -26.11
N GLN F 101 33.65 4.56 -26.33
CA GLN F 101 34.64 5.29 -25.53
C GLN F 101 34.68 6.75 -25.97
N LEU F 102 34.30 7.04 -27.22
CA LEU F 102 34.31 8.41 -27.74
C LEU F 102 32.92 8.97 -28.03
N ASN F 103 31.94 8.09 -28.25
CA ASN F 103 30.60 8.53 -28.62
C ASN F 103 29.55 7.91 -27.71
N ARG F 104 28.57 8.71 -27.29
CA ARG F 104 27.59 8.27 -26.33
C ARG F 104 26.55 7.33 -26.94
N GLY F 105 26.17 7.61 -28.18
CA GLY F 105 25.07 6.90 -28.80
C GLY F 105 23.90 6.94 -27.83
N ILE F 106 23.32 5.77 -27.54
CA ILE F 106 22.19 5.72 -26.62
C ILE F 106 22.62 5.70 -25.16
N LEU F 107 23.92 5.66 -24.88
CA LEU F 107 24.39 5.61 -23.50
C LEU F 107 24.37 7.01 -22.88
N PRO F 108 24.19 7.10 -21.54
CA PRO F 108 24.07 8.40 -20.89
C PRO F 108 25.42 9.08 -20.61
N CYS F 109 26.51 8.35 -20.86
CA CYS F 109 27.85 8.90 -20.73
C CYS F 109 28.82 7.98 -21.45
N LEU F 110 30.06 8.41 -21.60
CA LEU F 110 31.07 7.64 -22.31
C LEU F 110 31.63 6.49 -21.47
N LEU F 111 32.13 5.45 -22.15
CA LEU F 111 32.90 4.41 -21.47
C LEU F 111 34.30 4.94 -21.22
N ARG F 112 34.54 5.40 -20.01
CA ARG F 112 35.70 6.23 -19.71
C ARG F 112 36.79 5.44 -18.97
N HIS F 113 36.37 4.53 -18.10
CA HIS F 113 37.29 3.82 -17.25
C HIS F 113 36.99 2.33 -17.25
N CYS F 114 37.90 1.58 -17.83
CA CYS F 114 37.80 0.15 -17.84
C CYS F 114 37.87 -0.45 -16.42
N CYS F 115 36.83 -1.18 -16.05
CA CYS F 115 36.86 -1.99 -14.85
C CYS F 115 37.53 -3.32 -15.17
N THR F 116 38.84 -3.39 -14.92
CA THR F 116 39.71 -4.51 -15.31
C THR F 116 39.32 -5.87 -14.73
N ARG F 117 39.31 -6.89 -15.58
CA ARG F 117 39.04 -8.27 -15.15
C ARG F 117 40.17 -8.87 -14.33
N VAL F 118 39.91 -10.05 -13.75
CA VAL F 118 40.91 -10.80 -12.99
C VAL F 118 41.52 -11.92 -13.83
N SER G 1 13.78 -0.75 -23.54
CA SER G 1 13.61 -1.35 -24.87
C SER G 1 13.62 -2.89 -24.78
N PHE G 2 14.54 -3.42 -23.99
CA PHE G 2 14.56 -4.84 -23.65
C PHE G 2 14.20 -5.00 -22.16
N GLU G 3 13.22 -5.85 -21.86
CA GLU G 3 12.75 -5.97 -20.48
C GLU G 3 13.89 -6.43 -19.58
N GLY G 4 14.10 -5.71 -18.47
CA GLY G 4 15.15 -6.04 -17.52
C GLY G 4 16.53 -5.45 -17.83
N TYR G 5 16.58 -4.48 -18.73
CA TYR G 5 17.84 -3.84 -19.14
C TYR G 5 17.59 -2.36 -19.34
N ASP G 6 18.63 -1.55 -19.38
CA ASP G 6 18.42 -0.10 -19.42
C ASP G 6 18.46 0.55 -20.82
N ASN G 7 18.60 -0.26 -21.84
CA ASN G 7 18.70 0.32 -23.16
C ASN G 7 17.52 1.19 -23.55
N SER H 1 -33.94 -25.14 -21.58
CA SER H 1 -32.81 -26.05 -21.74
C SER H 1 -32.74 -27.07 -20.61
N PHE H 2 -33.01 -26.62 -19.39
CA PHE H 2 -33.12 -27.49 -18.22
C PHE H 2 -34.54 -27.46 -17.70
N GLU H 3 -35.13 -28.63 -17.41
CA GLU H 3 -36.54 -28.67 -17.00
C GLU H 3 -36.77 -27.84 -15.74
N GLY H 4 -37.74 -26.94 -15.80
CA GLY H 4 -38.07 -26.09 -14.66
C GLY H 4 -37.14 -24.89 -14.43
N TYR H 5 -36.36 -24.53 -15.43
CA TYR H 5 -35.54 -23.32 -15.32
C TYR H 5 -35.70 -22.52 -16.61
N ASP H 6 -35.18 -21.31 -16.61
CA ASP H 6 -35.34 -20.43 -17.76
C ASP H 6 -34.13 -20.32 -18.68
N ASN H 7 -33.04 -21.05 -18.38
CA ASN H 7 -31.85 -21.04 -19.25
C ASN H 7 -32.19 -21.31 -20.72
N SER I 1 -14.50 0.59 23.34
CA SER I 1 -15.84 1.05 23.70
C SER I 1 -15.80 2.41 24.41
N PHE I 2 -14.83 2.58 25.29
CA PHE I 2 -14.62 3.88 25.94
C PHE I 2 -13.27 4.44 25.49
N GLU I 3 -13.22 5.72 25.14
CA GLU I 3 -11.98 6.32 24.66
C GLU I 3 -10.83 6.24 25.67
N GLY I 4 -9.78 5.52 25.27
CA GLY I 4 -8.56 5.40 26.06
C GLY I 4 -8.58 4.26 27.07
N TYR I 5 -9.45 3.27 26.85
CA TYR I 5 -9.49 2.09 27.71
C TYR I 5 -9.66 0.84 26.85
N ASP I 6 -9.61 -0.34 27.48
CA ASP I 6 -9.56 -1.58 26.72
C ASP I 6 -10.88 -2.35 26.72
N ASN I 7 -11.90 -1.80 27.37
CA ASN I 7 -13.22 -2.44 27.41
C ASN I 7 -13.75 -2.79 26.02
N SER J 1 -10.06 -5.82 -37.83
CA SER J 1 -11.06 -4.99 -37.17
C SER J 1 -10.49 -3.62 -36.82
N PHE J 2 -9.39 -3.62 -36.06
CA PHE J 2 -8.58 -2.42 -35.83
C PHE J 2 -7.27 -2.56 -36.60
N GLU J 3 -6.93 -1.53 -37.37
CA GLU J 3 -5.73 -1.57 -38.20
C GLU J 3 -4.48 -1.83 -37.37
N GLY J 4 -3.70 -2.83 -37.77
CA GLY J 4 -2.43 -3.11 -37.14
C GLY J 4 -2.51 -4.10 -35.99
N TYR J 5 -3.68 -4.71 -35.81
CA TYR J 5 -3.88 -5.69 -34.75
C TYR J 5 -4.51 -6.96 -35.31
N ASP J 6 -4.70 -7.97 -34.45
CA ASP J 6 -5.20 -9.25 -34.89
C ASP J 6 -6.65 -9.53 -34.49
N ASN J 7 -7.36 -8.51 -34.01
CA ASN J 7 -8.74 -8.71 -33.61
C ASN J 7 -9.64 -9.03 -34.81
N SER K 1 22.61 23.60 -1.48
CA SER K 1 23.14 24.82 -0.86
C SER K 1 24.36 25.35 -1.62
N PHE K 2 25.29 24.46 -1.94
CA PHE K 2 26.48 24.83 -2.70
C PHE K 2 26.53 24.09 -4.02
N GLU K 3 26.64 24.82 -5.12
CA GLU K 3 26.68 24.18 -6.43
C GLU K 3 27.79 23.14 -6.50
N GLY K 4 27.44 21.93 -6.90
CA GLY K 4 28.42 20.87 -7.08
C GLY K 4 28.72 20.07 -5.81
N TYR K 5 27.97 20.34 -4.74
CA TYR K 5 28.14 19.61 -3.49
C TYR K 5 26.80 19.11 -2.95
N ASP K 6 26.85 18.27 -1.92
CA ASP K 6 25.65 17.65 -1.37
C ASP K 6 25.12 18.26 -0.07
N ASN K 7 25.60 19.42 0.35
CA ASN K 7 25.11 19.93 1.61
C ASN K 7 23.70 20.44 1.60
N SER L 1 -30.24 14.32 5.88
CA SER L 1 -29.92 14.36 4.47
C SER L 1 -29.41 12.99 4.07
N PHE L 2 -28.61 12.46 4.97
CA PHE L 2 -28.14 11.10 4.91
C PHE L 2 -28.80 10.37 6.07
N GLU L 3 -29.63 9.39 5.74
CA GLU L 3 -30.30 8.60 6.77
C GLU L 3 -29.27 8.09 7.79
N GLY L 4 -29.62 8.21 9.07
CA GLY L 4 -28.70 7.86 10.14
C GLY L 4 -27.90 9.03 10.66
N TYR L 5 -28.03 10.19 10.02
CA TYR L 5 -27.29 11.39 10.39
C TYR L 5 -28.21 12.61 10.37
N ASP L 6 -27.71 13.76 10.83
CA ASP L 6 -28.58 14.93 10.99
C ASP L 6 -28.37 16.03 9.96
N ASN L 7 -27.43 15.84 9.03
CA ASN L 7 -27.15 16.82 7.97
C ASN L 7 -28.41 17.49 7.37
#